data_5YDX
#
_entry.id   5YDX
#
_entity_poly.entity_id   1
_entity_poly.type   'polypeptide(L)'
_entity_poly.pdbx_seq_one_letter_code
;SFEIPDDVPLPAGWEMAKTSSGQRYFLNHIDQTTTWQDPRKAMGGGGNYQGPPPPYPKH
;
_entity_poly.pdbx_strand_id   A
#
# COMPACT_ATOMS: atom_id res chain seq x y z
N SER A 1 8.72 -11.25 -17.78
CA SER A 1 9.18 -12.00 -16.58
C SER A 1 10.25 -11.18 -15.85
N PHE A 2 10.37 -9.93 -16.17
CA PHE A 2 11.40 -9.07 -15.49
C PHE A 2 11.38 -9.36 -13.99
N GLU A 3 12.35 -10.07 -13.50
CA GLU A 3 12.39 -10.39 -12.04
C GLU A 3 11.94 -9.16 -11.25
N ILE A 4 10.93 -9.30 -10.44
CA ILE A 4 10.45 -8.15 -9.63
C ILE A 4 11.48 -7.82 -8.54
N PRO A 5 12.07 -6.66 -8.60
CA PRO A 5 13.09 -6.23 -7.60
C PRO A 5 12.43 -5.75 -6.29
N ASP A 6 12.84 -6.30 -5.18
CA ASP A 6 12.25 -5.89 -3.88
C ASP A 6 12.95 -4.63 -3.40
N ASP A 7 13.84 -4.13 -4.18
CA ASP A 7 14.59 -2.89 -3.79
C ASP A 7 14.12 -1.72 -4.67
N VAL A 8 12.87 -1.69 -5.02
CA VAL A 8 12.37 -0.58 -5.87
C VAL A 8 11.18 0.10 -5.17
N PRO A 9 11.35 1.33 -4.78
CA PRO A 9 10.29 2.11 -4.08
C PRO A 9 8.93 1.99 -4.79
N LEU A 10 7.89 2.44 -4.16
CA LEU A 10 6.53 2.34 -4.79
C LEU A 10 6.43 3.40 -5.89
N PRO A 11 5.25 3.56 -6.46
CA PRO A 11 5.01 4.56 -7.53
C PRO A 11 5.27 5.97 -7.04
N ALA A 12 4.51 6.91 -7.52
CA ALA A 12 4.71 8.31 -7.10
C ALA A 12 3.84 8.67 -5.90
N GLY A 13 4.40 9.37 -4.95
CA GLY A 13 3.61 9.80 -3.75
C GLY A 13 3.18 8.59 -2.92
N TRP A 14 3.85 7.48 -3.02
CA TRP A 14 3.43 6.30 -2.23
C TRP A 14 4.34 6.09 -1.03
N GLU A 15 3.85 5.43 -0.01
CA GLU A 15 4.70 5.20 1.19
C GLU A 15 4.12 4.08 2.05
N MET A 16 4.88 3.05 2.29
CA MET A 16 4.35 1.93 3.12
C MET A 16 4.08 2.44 4.53
N ALA A 17 2.97 2.07 5.09
CA ALA A 17 2.64 2.54 6.46
C ALA A 17 1.75 1.49 7.13
N LYS A 18 1.45 1.67 8.39
CA LYS A 18 0.59 0.66 9.07
C LYS A 18 -0.69 1.33 9.55
N THR A 19 -1.72 0.55 9.72
CA THR A 19 -3.02 1.09 10.20
C THR A 19 -2.87 1.49 11.66
N SER A 20 -3.91 2.02 12.26
CA SER A 20 -3.81 2.43 13.69
C SER A 20 -2.67 1.67 14.35
N SER A 21 -2.47 0.43 14.00
CA SER A 21 -1.35 -0.34 14.60
C SER A 21 -1.63 -1.84 14.51
N GLY A 22 -1.36 -2.45 13.38
CA GLY A 22 -1.62 -3.92 13.27
C GLY A 22 -1.60 -4.36 11.80
N GLN A 23 -2.16 -3.59 10.90
CA GLN A 23 -2.16 -4.01 9.49
C GLN A 23 -1.23 -3.12 8.66
N ARG A 24 -0.35 -3.71 7.90
CA ARG A 24 0.58 -2.92 7.07
C ARG A 24 -0.11 -2.59 5.74
N TYR A 25 0.02 -1.38 5.27
CA TYR A 25 -0.63 -1.02 3.98
C TYR A 25 0.23 0.01 3.26
N PHE A 26 -0.22 0.53 2.17
CA PHE A 26 0.61 1.54 1.45
C PHE A 26 -0.18 2.84 1.31
N LEU A 27 0.40 3.93 1.72
CA LEU A 27 -0.30 5.24 1.63
C LEU A 27 -0.17 5.80 0.21
N ASN A 28 -1.14 6.56 -0.22
CA ASN A 28 -1.09 7.15 -1.59
C ASN A 28 -1.16 8.67 -1.47
N HIS A 29 -0.06 9.34 -1.67
CA HIS A 29 -0.06 10.83 -1.55
C HIS A 29 -0.65 11.42 -2.84
N ILE A 30 -0.80 10.62 -3.85
CA ILE A 30 -1.38 11.12 -5.12
C ILE A 30 -2.89 11.11 -5.02
N ASP A 31 -3.44 9.98 -4.68
CA ASP A 31 -4.92 9.88 -4.55
C ASP A 31 -5.32 10.05 -3.09
N GLN A 32 -4.38 10.43 -2.27
CA GLN A 32 -4.68 10.63 -0.83
C GLN A 32 -5.49 9.45 -0.29
N THR A 33 -4.99 8.26 -0.47
CA THR A 33 -5.72 7.07 0.03
C THR A 33 -4.72 6.05 0.56
N THR A 34 -5.18 4.88 0.88
CA THR A 34 -4.27 3.84 1.37
C THR A 34 -4.37 2.61 0.48
N THR A 35 -3.62 1.58 0.77
CA THR A 35 -3.66 0.38 -0.11
C THR A 35 -3.44 -0.89 0.71
N TRP A 36 -4.31 -1.85 0.56
CA TRP A 36 -4.11 -3.13 1.30
C TRP A 36 -3.13 -3.98 0.51
N GLN A 37 -3.02 -3.71 -0.77
CA GLN A 37 -2.10 -4.49 -1.63
C GLN A 37 -0.92 -3.60 -2.03
N ASP A 38 0.18 -4.20 -2.41
CA ASP A 38 1.36 -3.37 -2.80
C ASP A 38 1.18 -2.92 -4.26
N PRO A 39 1.53 -1.70 -4.55
CA PRO A 39 1.42 -1.15 -5.93
C PRO A 39 2.29 -1.95 -6.90
N ARG A 40 3.31 -2.59 -6.39
CA ARG A 40 4.21 -3.40 -7.26
C ARG A 40 3.45 -4.65 -7.71
N LYS A 41 2.16 -4.61 -7.66
CA LYS A 41 1.35 -5.78 -8.08
C LYS A 41 1.11 -5.73 -9.58
N ALA A 42 0.27 -6.60 -10.09
CA ALA A 42 -0.01 -6.61 -11.55
C ALA A 42 -1.08 -7.65 -11.87
N MET A 43 -1.86 -7.43 -12.89
CA MET A 43 -2.93 -8.41 -13.24
C MET A 43 -3.95 -8.47 -12.11
N GLY A 44 -4.24 -9.64 -11.61
CA GLY A 44 -5.22 -9.78 -10.51
C GLY A 44 -5.14 -11.17 -9.91
N GLY A 45 -5.72 -11.37 -8.75
CA GLY A 45 -5.67 -12.72 -8.11
C GLY A 45 -7.01 -13.01 -7.43
N GLY A 46 -7.44 -12.14 -6.55
CA GLY A 46 -8.74 -12.36 -5.86
C GLY A 46 -8.50 -12.42 -4.35
N GLY A 47 -9.55 -12.51 -3.57
CA GLY A 47 -9.38 -12.58 -2.09
C GLY A 47 -9.86 -11.27 -1.46
N ASN A 48 -10.34 -11.32 -0.25
CA ASN A 48 -10.82 -10.08 0.42
C ASN A 48 -9.74 -9.57 1.38
N TYR A 49 -9.83 -8.33 1.77
CA TYR A 49 -8.81 -7.76 2.70
C TYR A 49 -9.43 -7.55 4.08
N GLN A 50 -8.83 -6.73 4.89
CA GLN A 50 -9.39 -6.48 6.26
C GLN A 50 -10.52 -5.46 6.16
N GLY A 51 -11.09 -5.33 4.99
CA GLY A 51 -12.20 -4.35 4.81
C GLY A 51 -11.72 -3.20 3.94
N PRO A 52 -12.48 -2.13 3.89
CA PRO A 52 -12.14 -0.93 3.09
C PRO A 52 -11.01 -0.11 3.71
N PRO A 53 -10.01 0.22 2.95
CA PRO A 53 -8.85 1.01 3.43
C PRO A 53 -9.15 2.51 3.54
N PRO A 54 -9.06 3.05 4.73
CA PRO A 54 -9.31 4.51 4.96
C PRO A 54 -8.12 5.35 4.47
N PRO A 55 -8.27 6.63 4.39
CA PRO A 55 -7.17 7.52 3.92
C PRO A 55 -5.96 7.45 4.85
N TYR A 56 -4.80 7.26 4.28
CA TYR A 56 -3.56 7.19 5.11
C TYR A 56 -3.70 8.14 6.31
N PRO A 57 -3.02 7.83 7.38
CA PRO A 57 -3.06 8.66 8.62
C PRO A 57 -2.53 10.08 8.38
N LYS A 58 -3.29 11.07 8.76
CA LYS A 58 -2.84 12.48 8.57
C LYS A 58 -1.34 12.58 8.90
N HIS A 59 -0.62 13.41 8.19
CA HIS A 59 0.83 13.55 8.47
C HIS A 59 1.47 12.17 8.56
N SER A 1 23.19 -8.93 -6.76
CA SER A 1 21.75 -8.60 -6.91
C SER A 1 20.91 -9.86 -6.66
N PHE A 2 20.15 -9.87 -5.60
CA PHE A 2 19.31 -11.05 -5.30
C PHE A 2 17.96 -10.93 -6.01
N GLU A 3 17.74 -11.71 -7.03
CA GLU A 3 16.45 -11.63 -7.77
C GLU A 3 15.95 -10.19 -7.77
N ILE A 4 14.67 -10.01 -7.69
CA ILE A 4 14.10 -8.63 -7.70
C ILE A 4 14.70 -7.83 -6.54
N PRO A 5 15.52 -6.86 -6.85
CA PRO A 5 16.18 -6.00 -5.83
C PRO A 5 15.18 -5.41 -4.83
N ASP A 6 15.43 -5.55 -3.56
CA ASP A 6 14.48 -5.00 -2.55
C ASP A 6 14.66 -3.49 -2.47
N ASP A 7 15.50 -2.96 -3.29
CA ASP A 7 15.76 -1.50 -3.29
C ASP A 7 14.85 -0.83 -4.33
N VAL A 8 13.66 -1.35 -4.50
CA VAL A 8 12.72 -0.74 -5.48
C VAL A 8 11.52 -0.13 -4.74
N PRO A 9 11.68 1.05 -4.22
CA PRO A 9 10.61 1.76 -3.47
C PRO A 9 9.27 1.74 -4.20
N LEU A 10 8.22 2.13 -3.54
CA LEU A 10 6.88 2.15 -4.18
C LEU A 10 6.90 3.11 -5.38
N PRO A 11 5.85 3.15 -6.16
CA PRO A 11 5.76 4.06 -7.34
C PRO A 11 5.90 5.52 -6.94
N ALA A 12 5.18 6.37 -7.59
CA ALA A 12 5.28 7.82 -7.29
C ALA A 12 4.24 8.23 -6.24
N GLY A 13 4.66 9.02 -5.28
CA GLY A 13 3.71 9.49 -4.22
C GLY A 13 3.26 8.32 -3.34
N TRP A 14 4.03 7.27 -3.27
CA TRP A 14 3.61 6.11 -2.44
C TRP A 14 4.45 6.01 -1.17
N GLU A 15 3.93 5.34 -0.17
CA GLU A 15 4.70 5.18 1.10
C GLU A 15 4.07 4.07 1.93
N MET A 16 4.79 2.99 2.14
CA MET A 16 4.22 1.88 2.95
C MET A 16 4.00 2.38 4.38
N ALA A 17 2.90 2.03 4.97
CA ALA A 17 2.63 2.50 6.35
C ALA A 17 1.79 1.47 7.10
N LYS A 18 1.57 1.66 8.37
CA LYS A 18 0.75 0.68 9.12
C LYS A 18 -0.51 1.34 9.64
N THR A 19 -1.50 0.53 9.88
CA THR A 19 -2.79 1.04 10.40
C THR A 19 -2.69 1.21 11.91
N SER A 20 -3.60 1.91 12.51
CA SER A 20 -3.54 2.10 13.99
C SER A 20 -3.78 0.74 14.65
N SER A 21 -3.32 -0.32 14.05
CA SER A 21 -3.53 -1.67 14.64
C SER A 21 -2.33 -2.57 14.34
N GLY A 22 -1.53 -2.24 13.35
CA GLY A 22 -0.35 -3.09 13.04
C GLY A 22 -0.50 -3.71 11.64
N GLN A 23 -1.53 -3.36 10.92
CA GLN A 23 -1.70 -3.94 9.56
C GLN A 23 -0.88 -3.11 8.57
N ARG A 24 0.08 -3.72 7.93
CA ARG A 24 0.92 -2.97 6.95
C ARG A 24 0.11 -2.69 5.69
N TYR A 25 0.14 -1.46 5.23
CA TYR A 25 -0.61 -1.13 3.98
C TYR A 25 0.19 -0.11 3.18
N PHE A 26 -0.36 0.41 2.12
CA PHE A 26 0.41 1.38 1.30
C PHE A 26 -0.31 2.73 1.24
N LEU A 27 0.39 3.78 1.55
CA LEU A 27 -0.23 5.13 1.51
C LEU A 27 -0.07 5.72 0.11
N ASN A 28 -1.13 6.14 -0.51
CA ASN A 28 -1.01 6.72 -1.87
C ASN A 28 -1.10 8.25 -1.80
N HIS A 29 -0.04 8.93 -2.13
CA HIS A 29 -0.09 10.42 -2.08
C HIS A 29 -0.78 10.91 -3.34
N ILE A 30 -0.99 10.03 -4.29
CA ILE A 30 -1.68 10.42 -5.55
C ILE A 30 -3.18 10.33 -5.32
N ASP A 31 -3.64 9.18 -4.91
CA ASP A 31 -5.09 9.02 -4.64
C ASP A 31 -5.38 9.51 -3.24
N GLN A 32 -4.37 9.97 -2.58
CA GLN A 32 -4.54 10.50 -1.20
C GLN A 32 -5.38 9.52 -0.36
N THR A 33 -4.89 8.34 -0.15
CA THR A 33 -5.64 7.35 0.65
C THR A 33 -4.77 6.15 0.95
N THR A 34 -5.36 5.14 1.49
CA THR A 34 -4.60 3.91 1.82
C THR A 34 -5.14 2.74 0.99
N THR A 35 -4.32 1.75 0.75
CA THR A 35 -4.79 0.59 -0.05
C THR A 35 -4.22 -0.70 0.50
N TRP A 36 -4.96 -1.77 0.38
CA TRP A 36 -4.46 -3.08 0.84
C TRP A 36 -3.70 -3.73 -0.31
N GLN A 37 -3.75 -3.11 -1.46
CA GLN A 37 -3.05 -3.69 -2.64
C GLN A 37 -1.64 -3.10 -2.74
N ASP A 38 -0.70 -3.88 -3.23
CA ASP A 38 0.69 -3.37 -3.35
C ASP A 38 0.91 -2.87 -4.77
N PRO A 39 1.18 -1.60 -4.93
CA PRO A 39 1.41 -1.02 -6.28
C PRO A 39 2.50 -1.80 -7.02
N ARG A 40 3.23 -2.61 -6.32
CA ARG A 40 4.31 -3.40 -6.97
C ARG A 40 3.70 -4.65 -7.62
N LYS A 41 2.45 -4.58 -7.96
CA LYS A 41 1.78 -5.75 -8.61
C LYS A 41 0.87 -5.26 -9.73
N ALA A 42 0.15 -6.16 -10.34
CA ALA A 42 -0.76 -5.76 -11.45
C ALA A 42 -2.18 -6.26 -11.16
N MET A 43 -3.17 -5.43 -11.36
CA MET A 43 -4.57 -5.86 -11.10
C MET A 43 -4.86 -5.77 -9.59
N GLY A 44 -6.11 -5.73 -9.22
CA GLY A 44 -6.45 -5.64 -7.78
C GLY A 44 -7.69 -4.76 -7.59
N GLY A 45 -8.72 -5.29 -6.98
CA GLY A 45 -9.95 -4.49 -6.77
C GLY A 45 -10.19 -4.29 -5.28
N GLY A 46 -11.02 -3.35 -4.91
CA GLY A 46 -11.30 -3.12 -3.47
C GLY A 46 -12.52 -3.93 -3.04
N GLY A 47 -12.66 -4.19 -1.78
CA GLY A 47 -13.84 -4.97 -1.30
C GLY A 47 -13.34 -6.22 -0.56
N ASN A 48 -13.07 -7.28 -1.28
CA ASN A 48 -12.60 -8.52 -0.62
C ASN A 48 -11.26 -8.25 0.08
N TYR A 49 -11.28 -8.04 1.37
CA TYR A 49 -10.00 -7.77 2.09
C TYR A 49 -10.32 -7.50 3.57
N GLN A 50 -9.35 -7.02 4.30
CA GLN A 50 -9.59 -6.73 5.75
C GLN A 50 -10.55 -5.55 5.88
N GLY A 51 -11.30 -5.28 4.84
CA GLY A 51 -12.26 -4.14 4.90
C GLY A 51 -11.60 -2.90 4.30
N PRO A 52 -12.38 -2.07 3.67
CA PRO A 52 -11.87 -0.82 3.03
C PRO A 52 -10.88 -0.07 3.94
N PRO A 53 -9.73 0.26 3.43
CA PRO A 53 -8.67 0.97 4.20
C PRO A 53 -8.96 2.48 4.33
N PRO A 54 -9.14 2.96 5.53
CA PRO A 54 -9.39 4.41 5.77
C PRO A 54 -8.20 5.27 5.35
N PRO A 55 -8.44 6.36 4.67
CA PRO A 55 -7.35 7.27 4.21
C PRO A 55 -6.26 7.45 5.28
N TYR A 56 -5.03 7.33 4.88
CA TYR A 56 -3.92 7.50 5.85
C TYR A 56 -4.29 8.57 6.88
N PRO A 57 -3.61 8.58 7.99
CA PRO A 57 -3.86 9.58 9.08
C PRO A 57 -3.86 11.01 8.56
N LYS A 58 -4.87 11.77 8.89
CA LYS A 58 -4.93 13.17 8.41
C LYS A 58 -3.53 13.80 8.46
N HIS A 59 -2.86 13.87 7.35
CA HIS A 59 -1.49 14.46 7.33
C HIS A 59 -1.47 15.69 6.43
N SER A 1 21.61 -5.36 -17.03
CA SER A 1 20.63 -5.54 -18.14
C SER A 1 19.28 -6.00 -17.57
N PHE A 2 18.25 -5.25 -17.81
CA PHE A 2 16.91 -5.64 -17.27
C PHE A 2 17.08 -6.22 -15.86
N GLU A 3 17.32 -5.39 -14.89
CA GLU A 3 17.50 -5.89 -13.50
C GLU A 3 16.24 -5.58 -12.69
N ILE A 4 15.70 -6.56 -12.02
CA ILE A 4 14.47 -6.33 -11.21
C ILE A 4 14.79 -6.51 -9.73
N PRO A 5 15.29 -5.47 -9.10
CA PRO A 5 15.66 -5.50 -7.66
C PRO A 5 14.43 -5.38 -6.76
N ASP A 6 14.26 -6.30 -5.85
CA ASP A 6 13.09 -6.23 -4.92
C ASP A 6 13.16 -4.96 -4.10
N ASP A 7 14.14 -4.16 -4.37
CA ASP A 7 14.30 -2.88 -3.62
C ASP A 7 13.84 -1.72 -4.49
N VAL A 8 12.79 -1.91 -5.26
CA VAL A 8 12.30 -0.82 -6.13
C VAL A 8 11.25 0.01 -5.37
N PRO A 9 11.59 1.23 -5.05
CA PRO A 9 10.67 2.15 -4.32
C PRO A 9 9.26 2.16 -4.90
N LEU A 10 8.29 2.58 -4.13
CA LEU A 10 6.89 2.62 -4.64
C LEU A 10 6.81 3.63 -5.79
N PRO A 11 5.69 3.68 -6.47
CA PRO A 11 5.51 4.63 -7.61
C PRO A 11 5.63 6.07 -7.14
N ALA A 12 4.87 6.94 -7.70
CA ALA A 12 4.96 8.37 -7.32
C ALA A 12 3.98 8.71 -6.19
N GLY A 13 4.45 9.44 -5.20
CA GLY A 13 3.58 9.84 -4.07
C GLY A 13 3.16 8.63 -3.24
N TRP A 14 3.94 7.58 -3.26
CA TRP A 14 3.56 6.37 -2.47
C TRP A 14 4.43 6.21 -1.22
N GLU A 15 3.91 5.54 -0.22
CA GLU A 15 4.70 5.33 1.02
C GLU A 15 4.06 4.20 1.83
N MET A 16 4.77 3.12 2.01
CA MET A 16 4.19 2.00 2.80
C MET A 16 3.99 2.46 4.23
N ALA A 17 2.90 2.08 4.85
CA ALA A 17 2.65 2.53 6.24
C ALA A 17 1.78 1.49 6.95
N LYS A 18 1.56 1.64 8.23
CA LYS A 18 0.72 0.64 8.94
C LYS A 18 -0.48 1.34 9.56
N THR A 19 -1.52 0.59 9.80
CA THR A 19 -2.75 1.17 10.43
C THR A 19 -2.43 1.54 11.88
N SER A 20 -3.38 2.08 12.58
CA SER A 20 -3.13 2.46 14.00
C SER A 20 -1.94 1.66 14.54
N SER A 21 -1.81 0.42 14.13
CA SER A 21 -0.65 -0.39 14.60
C SER A 21 -1.01 -1.88 14.51
N GLY A 22 -0.89 -2.49 13.37
CA GLY A 22 -1.22 -3.93 13.26
C GLY A 22 -1.33 -4.36 11.79
N GLN A 23 -1.91 -3.56 10.96
CA GLN A 23 -2.04 -3.95 9.53
C GLN A 23 -1.14 -3.07 8.66
N ARG A 24 -0.30 -3.68 7.86
CA ARG A 24 0.59 -2.89 6.97
C ARG A 24 -0.18 -2.55 5.70
N TYR A 25 -0.01 -1.35 5.19
CA TYR A 25 -0.73 -0.99 3.95
C TYR A 25 0.10 0.02 3.14
N PHE A 26 -0.44 0.54 2.09
CA PHE A 26 0.34 1.51 1.26
C PHE A 26 -0.36 2.87 1.24
N LEU A 27 0.37 3.91 1.52
CA LEU A 27 -0.23 5.27 1.52
C LEU A 27 -0.06 5.91 0.14
N ASN A 28 -1.13 6.37 -0.45
CA ASN A 28 -1.02 7.00 -1.79
C ASN A 28 -1.12 8.52 -1.65
N HIS A 29 -0.06 9.22 -1.90
CA HIS A 29 -0.10 10.70 -1.79
C HIS A 29 -0.82 11.24 -3.02
N ILE A 30 -1.01 10.41 -4.01
CA ILE A 30 -1.71 10.83 -5.24
C ILE A 30 -3.21 10.69 -5.00
N ASP A 31 -3.63 9.52 -4.63
CA ASP A 31 -5.07 9.31 -4.37
C ASP A 31 -5.36 9.74 -2.94
N GLN A 32 -4.37 10.25 -2.29
CA GLN A 32 -4.54 10.73 -0.89
C GLN A 32 -5.37 9.73 -0.08
N THR A 33 -4.88 8.52 0.05
CA THR A 33 -5.63 7.50 0.81
C THR A 33 -4.75 6.29 1.05
N THR A 34 -5.34 5.25 1.55
CA THR A 34 -4.56 4.02 1.81
C THR A 34 -5.09 2.89 0.92
N THR A 35 -4.29 1.89 0.67
CA THR A 35 -4.75 0.77 -0.19
C THR A 35 -4.20 -0.56 0.32
N TRP A 36 -4.95 -1.60 0.14
CA TRP A 36 -4.47 -2.94 0.57
C TRP A 36 -3.66 -3.53 -0.58
N GLN A 37 -3.66 -2.86 -1.70
CA GLN A 37 -2.91 -3.36 -2.88
C GLN A 37 -1.47 -2.87 -2.82
N ASP A 38 -0.57 -3.56 -3.48
CA ASP A 38 0.84 -3.12 -3.47
C ASP A 38 1.35 -2.96 -4.91
N PRO A 39 1.64 -1.77 -5.34
CA PRO A 39 2.13 -1.53 -6.71
C PRO A 39 3.28 -2.47 -7.06
N ARG A 40 3.80 -3.16 -6.07
CA ARG A 40 4.91 -4.12 -6.33
C ARG A 40 4.34 -5.46 -6.74
N LYS A 41 3.16 -5.46 -7.30
CA LYS A 41 2.54 -6.74 -7.73
C LYS A 41 2.13 -6.64 -9.20
N ALA A 42 1.97 -7.76 -9.86
CA ALA A 42 1.58 -7.73 -11.29
C ALA A 42 0.25 -8.46 -11.47
N MET A 43 -0.83 -7.87 -11.01
CA MET A 43 -2.16 -8.53 -11.16
C MET A 43 -2.02 -10.03 -10.87
N GLY A 44 -2.31 -10.45 -9.67
CA GLY A 44 -2.20 -11.89 -9.34
C GLY A 44 -3.58 -12.44 -8.95
N GLY A 45 -4.31 -11.72 -8.15
CA GLY A 45 -5.66 -12.20 -7.74
C GLY A 45 -6.04 -11.58 -6.40
N GLY A 46 -6.27 -12.38 -5.39
CA GLY A 46 -6.64 -11.83 -4.06
C GLY A 46 -7.97 -12.44 -3.61
N GLY A 47 -8.47 -12.03 -2.48
CA GLY A 47 -9.76 -12.58 -1.99
C GLY A 47 -10.23 -11.79 -0.77
N ASN A 48 -11.20 -10.93 -0.93
CA ASN A 48 -11.69 -10.14 0.22
C ASN A 48 -10.51 -9.46 0.93
N TYR A 49 -10.78 -8.68 1.92
CA TYR A 49 -9.67 -7.99 2.65
C TYR A 49 -10.17 -7.52 4.02
N GLN A 50 -9.33 -6.86 4.77
CA GLN A 50 -9.75 -6.37 6.11
C GLN A 50 -10.79 -5.26 5.96
N GLY A 51 -11.42 -5.23 4.82
CA GLY A 51 -12.45 -4.17 4.58
C GLY A 51 -11.79 -2.94 3.96
N PRO A 52 -12.58 -2.03 3.47
CA PRO A 52 -12.07 -0.78 2.83
C PRO A 52 -11.01 -0.08 3.69
N PRO A 53 -9.90 0.27 3.10
CA PRO A 53 -8.78 0.96 3.82
C PRO A 53 -9.09 2.44 4.09
N PRO A 54 -9.01 2.84 5.32
CA PRO A 54 -9.27 4.26 5.72
C PRO A 54 -8.09 5.17 5.38
N PRO A 55 -8.37 6.34 4.85
CA PRO A 55 -7.31 7.32 4.47
C PRO A 55 -6.19 7.39 5.51
N TYR A 56 -4.96 7.31 5.05
CA TYR A 56 -3.82 7.39 6.00
C TYR A 56 -4.14 8.36 7.13
N PRO A 57 -3.41 8.28 8.21
CA PRO A 57 -3.60 9.17 9.38
C PRO A 57 -3.67 10.65 8.98
N LYS A 58 -4.07 11.51 9.89
CA LYS A 58 -4.15 12.95 9.57
C LYS A 58 -2.74 13.52 9.37
N HIS A 59 -2.58 14.48 8.50
CA HIS A 59 -1.24 15.06 8.27
C HIS A 59 -1.31 16.58 8.47
N SER A 1 7.15 -11.90 -1.89
CA SER A 1 7.26 -12.63 -0.60
C SER A 1 8.69 -12.50 -0.07
N PHE A 2 9.07 -13.32 0.87
CA PHE A 2 10.44 -13.25 1.44
C PHE A 2 10.76 -11.80 1.82
N GLU A 3 11.85 -11.58 2.49
CA GLU A 3 12.21 -10.19 2.89
C GLU A 3 12.14 -9.28 1.66
N ILE A 4 11.25 -8.33 1.66
CA ILE A 4 11.14 -7.40 0.50
C ILE A 4 12.35 -6.48 0.47
N PRO A 5 13.01 -6.38 -0.66
CA PRO A 5 14.21 -5.52 -0.83
C PRO A 5 13.85 -4.04 -0.91
N ASP A 6 14.65 -3.19 -0.32
CA ASP A 6 14.36 -1.73 -0.36
C ASP A 6 14.78 -1.17 -1.71
N ASP A 7 15.22 -2.02 -2.57
CA ASP A 7 15.66 -1.58 -3.91
C ASP A 7 14.45 -1.56 -4.86
N VAL A 8 13.29 -1.31 -4.33
CA VAL A 8 12.07 -1.27 -5.18
C VAL A 8 11.14 -0.18 -4.68
N PRO A 9 11.57 1.05 -4.77
CA PRO A 9 10.77 2.23 -4.32
C PRO A 9 9.35 2.21 -4.89
N LEU A 10 8.40 2.69 -4.12
CA LEU A 10 6.99 2.69 -4.61
C LEU A 10 6.87 3.71 -5.75
N PRO A 11 5.78 3.70 -6.47
CA PRO A 11 5.54 4.67 -7.58
C PRO A 11 5.63 6.10 -7.10
N ALA A 12 4.82 6.95 -7.65
CA ALA A 12 4.86 8.38 -7.24
C ALA A 12 3.87 8.66 -6.11
N GLY A 13 4.31 9.40 -5.12
CA GLY A 13 3.41 9.76 -3.99
C GLY A 13 3.05 8.52 -3.16
N TRP A 14 3.86 7.51 -3.19
CA TRP A 14 3.52 6.27 -2.42
C TRP A 14 4.39 6.14 -1.16
N GLU A 15 3.87 5.47 -0.16
CA GLU A 15 4.66 5.29 1.09
C GLU A 15 4.05 4.15 1.92
N MET A 16 4.78 3.08 2.11
CA MET A 16 4.24 1.95 2.91
C MET A 16 3.99 2.43 4.34
N ALA A 17 2.88 2.06 4.90
CA ALA A 17 2.58 2.50 6.29
C ALA A 17 1.71 1.46 6.97
N LYS A 18 1.45 1.59 8.24
CA LYS A 18 0.61 0.58 8.92
C LYS A 18 -0.61 1.25 9.54
N THR A 19 -1.65 0.48 9.73
CA THR A 19 -2.89 1.03 10.36
C THR A 19 -2.61 1.33 11.82
N SER A 20 -3.58 1.84 12.53
CA SER A 20 -3.36 2.15 13.97
C SER A 20 -2.13 1.38 14.46
N SER A 21 -2.00 0.14 14.07
CA SER A 21 -0.83 -0.67 14.50
C SER A 21 -1.14 -2.16 14.38
N GLY A 22 -1.01 -2.72 13.22
CA GLY A 22 -1.30 -4.17 13.07
C GLY A 22 -1.46 -4.54 11.59
N GLN A 23 -2.02 -3.67 10.80
CA GLN A 23 -2.21 -3.99 9.36
C GLN A 23 -1.28 -3.13 8.50
N ARG A 24 -0.38 -3.74 7.79
CA ARG A 24 0.54 -2.97 6.91
C ARG A 24 -0.20 -2.61 5.63
N TYR A 25 -0.02 -1.43 5.13
CA TYR A 25 -0.71 -1.05 3.87
C TYR A 25 0.14 -0.04 3.12
N PHE A 26 -0.37 0.49 2.04
CA PHE A 26 0.44 1.46 1.26
C PHE A 26 -0.32 2.78 1.13
N LEU A 27 0.31 3.86 1.48
CA LEU A 27 -0.36 5.19 1.38
C LEU A 27 -0.18 5.75 -0.02
N ASN A 28 -1.20 6.34 -0.57
CA ASN A 28 -1.09 6.91 -1.94
C ASN A 28 -1.22 8.43 -1.87
N HIS A 29 -0.13 9.14 -1.93
CA HIS A 29 -0.20 10.62 -1.88
C HIS A 29 -0.87 11.10 -3.16
N ILE A 30 -0.88 10.26 -4.15
CA ILE A 30 -1.55 10.63 -5.44
C ILE A 30 -3.04 10.49 -5.23
N ASP A 31 -3.44 9.37 -4.69
CA ASP A 31 -4.89 9.16 -4.42
C ASP A 31 -5.19 9.62 -3.00
N GLN A 32 -4.23 10.28 -2.41
CA GLN A 32 -4.39 10.81 -1.03
C GLN A 32 -5.20 9.84 -0.18
N THR A 33 -4.91 8.58 -0.25
CA THR A 33 -5.66 7.58 0.56
C THR A 33 -4.80 6.37 0.84
N THR A 34 -5.40 5.36 1.38
CA THR A 34 -4.65 4.13 1.69
C THR A 34 -5.20 2.98 0.83
N THR A 35 -4.39 1.98 0.60
CA THR A 35 -4.85 0.83 -0.21
C THR A 35 -4.21 -0.46 0.28
N TRP A 36 -4.95 -1.54 0.20
CA TRP A 36 -4.39 -2.84 0.63
C TRP A 36 -3.60 -3.43 -0.53
N GLN A 37 -3.62 -2.76 -1.66
CA GLN A 37 -2.89 -3.27 -2.85
C GLN A 37 -1.49 -2.66 -2.88
N ASP A 38 -0.53 -3.38 -3.37
CA ASP A 38 0.86 -2.85 -3.44
C ASP A 38 1.25 -2.64 -4.89
N PRO A 39 2.04 -1.63 -5.15
CA PRO A 39 2.51 -1.32 -6.53
C PRO A 39 3.30 -2.49 -7.12
N ARG A 40 3.87 -3.31 -6.28
CA ARG A 40 4.64 -4.48 -6.77
C ARG A 40 3.69 -5.63 -7.08
N LYS A 41 2.45 -5.32 -7.35
CA LYS A 41 1.46 -6.37 -7.66
C LYS A 41 1.24 -6.45 -9.17
N ALA A 42 0.64 -7.51 -9.64
CA ALA A 42 0.40 -7.64 -11.10
C ALA A 42 -1.03 -7.18 -11.43
N MET A 43 -1.16 -6.10 -12.14
CA MET A 43 -2.53 -5.61 -12.49
C MET A 43 -3.29 -5.25 -11.21
N GLY A 44 -4.47 -5.76 -11.05
CA GLY A 44 -5.26 -5.46 -9.82
C GLY A 44 -6.35 -6.52 -9.64
N GLY A 45 -7.13 -6.40 -8.60
CA GLY A 45 -8.21 -7.40 -8.36
C GLY A 45 -9.24 -6.83 -7.39
N GLY A 46 -9.63 -7.60 -6.40
CA GLY A 46 -10.63 -7.10 -5.42
C GLY A 46 -11.08 -8.25 -4.52
N GLY A 47 -11.63 -7.94 -3.38
CA GLY A 47 -12.10 -9.02 -2.46
C GLY A 47 -12.38 -8.42 -1.08
N ASN A 48 -13.09 -9.14 -0.25
CA ASN A 48 -13.40 -8.62 1.11
C ASN A 48 -12.14 -8.70 1.98
N TYR A 49 -11.25 -7.76 1.84
CA TYR A 49 -10.00 -7.79 2.66
C TYR A 49 -10.33 -7.36 4.10
N GLN A 50 -9.36 -6.85 4.81
CA GLN A 50 -9.62 -6.41 6.21
C GLN A 50 -10.60 -5.24 6.20
N GLY A 51 -11.35 -5.10 5.15
CA GLY A 51 -12.33 -3.98 5.06
C GLY A 51 -11.67 -2.77 4.40
N PRO A 52 -12.45 -1.94 3.77
CA PRO A 52 -11.94 -0.72 3.08
C PRO A 52 -10.91 0.03 3.92
N PRO A 53 -9.78 0.35 3.35
CA PRO A 53 -8.69 1.08 4.05
C PRO A 53 -8.98 2.58 4.17
N PRO A 54 -8.91 3.10 5.37
CA PRO A 54 -9.16 4.55 5.64
C PRO A 54 -7.97 5.41 5.22
N PRO A 55 -8.22 6.62 4.80
CA PRO A 55 -7.15 7.55 4.35
C PRO A 55 -5.92 7.50 5.26
N TYR A 56 -4.75 7.48 4.69
CA TYR A 56 -3.52 7.43 5.49
C TYR A 56 -3.70 8.25 6.78
N PRO A 57 -2.84 8.03 7.74
CA PRO A 57 -2.89 8.76 9.04
C PRO A 57 -3.01 10.27 8.86
N LYS A 58 -3.95 10.89 9.50
CA LYS A 58 -4.11 12.37 9.37
C LYS A 58 -3.42 13.07 10.54
N HIS A 59 -2.75 14.17 10.27
CA HIS A 59 -2.06 14.90 11.37
C HIS A 59 -3.07 15.72 12.17
N SER A 1 8.11 -8.11 -18.66
CA SER A 1 8.73 -7.55 -17.43
C SER A 1 9.23 -8.70 -16.55
N PHE A 2 10.52 -8.77 -16.32
CA PHE A 2 11.07 -9.87 -15.48
C PHE A 2 12.16 -9.31 -14.58
N GLU A 3 12.72 -10.13 -13.72
CA GLU A 3 13.79 -9.64 -12.81
C GLU A 3 13.27 -8.48 -11.98
N ILE A 4 11.98 -8.39 -11.85
CA ILE A 4 11.38 -7.29 -11.05
C ILE A 4 12.15 -7.13 -9.74
N PRO A 5 12.94 -6.09 -9.64
CA PRO A 5 13.75 -5.82 -8.41
C PRO A 5 12.91 -5.90 -7.13
N ASP A 6 13.34 -6.70 -6.19
CA ASP A 6 12.58 -6.82 -4.92
C ASP A 6 12.88 -5.62 -4.03
N ASP A 7 13.65 -4.71 -4.53
CA ASP A 7 13.99 -3.50 -3.75
C ASP A 7 13.57 -2.24 -4.52
N VAL A 8 12.45 -2.31 -5.20
CA VAL A 8 11.98 -1.12 -5.97
C VAL A 8 10.97 -0.33 -5.14
N PRO A 9 11.35 0.82 -4.67
CA PRO A 9 10.45 1.70 -3.85
C PRO A 9 9.05 1.82 -4.45
N LEU A 10 8.10 2.30 -3.69
CA LEU A 10 6.73 2.44 -4.21
C LEU A 10 6.72 3.49 -5.32
N PRO A 11 5.66 3.55 -6.10
CA PRO A 11 5.54 4.54 -7.20
C PRO A 11 5.70 5.97 -6.69
N ALA A 12 4.95 6.86 -7.24
CA ALA A 12 5.05 8.28 -6.83
C ALA A 12 4.05 8.60 -5.71
N GLY A 13 4.47 9.39 -4.74
CA GLY A 13 3.55 9.77 -3.62
C GLY A 13 3.14 8.54 -2.81
N TRP A 14 3.91 7.50 -2.82
CA TRP A 14 3.53 6.29 -2.06
C TRP A 14 4.39 6.14 -0.80
N GLU A 15 3.87 5.47 0.20
CA GLU A 15 4.65 5.28 1.44
C GLU A 15 4.02 4.16 2.28
N MET A 16 4.75 3.12 2.55
CA MET A 16 4.18 2.02 3.36
C MET A 16 3.92 2.55 4.77
N ALA A 17 2.81 2.19 5.34
CA ALA A 17 2.50 2.68 6.70
C ALA A 17 1.61 1.67 7.42
N LYS A 18 1.34 1.86 8.67
CA LYS A 18 0.47 0.88 9.38
C LYS A 18 -0.76 1.58 9.93
N THR A 19 -1.81 0.83 10.14
CA THR A 19 -3.06 1.41 10.69
C THR A 19 -2.81 1.84 12.13
N SER A 20 -3.80 2.39 12.78
CA SER A 20 -3.61 2.84 14.19
C SER A 20 -2.40 2.10 14.79
N SER A 21 -2.24 0.85 14.47
CA SER A 21 -1.08 0.10 15.01
C SER A 21 -1.38 -1.41 14.99
N GLY A 22 -1.24 -2.05 13.86
CA GLY A 22 -1.53 -3.51 13.81
C GLY A 22 -1.57 -4.01 12.36
N GLN A 23 -2.14 -3.25 11.47
CA GLN A 23 -2.22 -3.71 10.05
C GLN A 23 -1.29 -2.86 9.17
N ARG A 24 -0.39 -3.49 8.47
CA ARG A 24 0.53 -2.74 7.58
C ARG A 24 -0.19 -2.46 6.26
N TYR A 25 -0.02 -1.29 5.70
CA TYR A 25 -0.69 -1.00 4.41
C TYR A 25 0.14 0.02 3.63
N PHE A 26 -0.37 0.48 2.52
CA PHE A 26 0.42 1.46 1.71
C PHE A 26 -0.35 2.77 1.56
N LEU A 27 0.29 3.87 1.86
CA LEU A 27 -0.39 5.19 1.74
C LEU A 27 -0.19 5.76 0.33
N ASN A 28 -1.23 6.29 -0.26
CA ASN A 28 -1.10 6.88 -1.62
C ASN A 28 -1.22 8.41 -1.51
N HIS A 29 -0.13 9.11 -1.64
CA HIS A 29 -0.17 10.59 -1.55
C HIS A 29 -0.73 11.16 -2.85
N ILE A 30 -0.76 10.35 -3.88
CA ILE A 30 -1.31 10.83 -5.18
C ILE A 30 -2.82 10.86 -5.08
N ASP A 31 -3.39 9.80 -4.58
CA ASP A 31 -4.86 9.73 -4.44
C ASP A 31 -5.22 9.85 -2.96
N GLN A 32 -4.28 10.24 -2.15
CA GLN A 32 -4.56 10.39 -0.69
C GLN A 32 -5.41 9.21 -0.21
N THR A 33 -5.03 8.01 -0.54
CA THR A 33 -5.81 6.84 -0.10
C THR A 33 -4.88 5.79 0.49
N THR A 34 -5.42 4.64 0.76
CA THR A 34 -4.59 3.55 1.31
C THR A 34 -4.96 2.24 0.60
N THR A 35 -4.08 1.29 0.56
CA THR A 35 -4.41 0.01 -0.11
C THR A 35 -3.84 -1.16 0.69
N TRP A 36 -4.56 -2.25 0.71
CA TRP A 36 -4.08 -3.44 1.43
C TRP A 36 -3.11 -4.17 0.51
N GLN A 37 -3.01 -3.74 -0.72
CA GLN A 37 -2.10 -4.41 -1.67
C GLN A 37 -0.95 -3.46 -2.04
N ASP A 38 0.15 -4.00 -2.48
CA ASP A 38 1.31 -3.13 -2.85
C ASP A 38 1.09 -2.59 -4.26
N PRO A 39 1.53 -1.39 -4.51
CA PRO A 39 1.41 -0.75 -5.85
C PRO A 39 2.17 -1.53 -6.91
N ARG A 40 3.07 -2.38 -6.50
CA ARG A 40 3.86 -3.19 -7.47
C ARG A 40 3.08 -4.45 -7.83
N LYS A 41 1.78 -4.39 -7.73
CA LYS A 41 0.95 -5.57 -8.07
C LYS A 41 -0.22 -5.14 -8.95
N ALA A 42 -0.57 -5.94 -9.92
CA ALA A 42 -1.71 -5.57 -10.81
C ALA A 42 -2.76 -4.82 -10.01
N MET A 43 -3.37 -3.82 -10.60
CA MET A 43 -4.41 -3.06 -9.87
C MET A 43 -5.46 -4.02 -9.32
N GLY A 44 -5.88 -3.82 -8.10
CA GLY A 44 -6.91 -4.72 -7.50
C GLY A 44 -7.09 -4.39 -6.03
N GLY A 45 -6.40 -5.09 -5.17
CA GLY A 45 -6.54 -4.80 -3.70
C GLY A 45 -7.99 -5.01 -3.27
N GLY A 46 -8.23 -5.93 -2.37
CA GLY A 46 -9.63 -6.17 -1.92
C GLY A 46 -9.66 -7.43 -1.04
N GLY A 47 -8.63 -7.66 -0.28
CA GLY A 47 -8.61 -8.88 0.59
C GLY A 47 -9.78 -8.82 1.57
N ASN A 48 -10.10 -9.93 2.19
CA ASN A 48 -11.24 -9.94 3.15
C ASN A 48 -10.79 -9.33 4.47
N TYR A 49 -10.22 -8.15 4.43
CA TYR A 49 -9.75 -7.50 5.69
C TYR A 49 -10.89 -6.67 6.28
N GLN A 50 -10.57 -5.63 6.99
CA GLN A 50 -11.65 -4.78 7.59
C GLN A 50 -12.43 -4.08 6.48
N GLY A 51 -12.37 -4.61 5.30
CA GLY A 51 -13.11 -3.99 4.17
C GLY A 51 -12.19 -3.00 3.45
N PRO A 52 -12.69 -1.85 3.11
CA PRO A 52 -11.90 -0.79 2.40
C PRO A 52 -11.00 -0.01 3.36
N PRO A 53 -9.77 0.21 2.98
CA PRO A 53 -8.78 0.94 3.82
C PRO A 53 -9.02 2.47 3.81
N PRO A 54 -9.30 3.04 4.95
CA PRO A 54 -9.53 4.51 5.07
C PRO A 54 -8.30 5.30 4.62
N PRO A 55 -8.47 6.52 4.20
CA PRO A 55 -7.34 7.36 3.74
C PRO A 55 -6.13 7.27 4.65
N TYR A 56 -4.97 7.29 4.06
CA TYR A 56 -3.71 7.24 4.83
C TYR A 56 -3.81 8.18 6.05
N PRO A 57 -3.01 7.93 7.05
CA PRO A 57 -2.99 8.76 8.29
C PRO A 57 -2.62 10.21 8.00
N LYS A 58 -3.20 11.15 8.71
CA LYS A 58 -2.88 12.58 8.47
C LYS A 58 -1.38 12.80 8.67
N HIS A 59 -0.62 12.84 7.61
CA HIS A 59 0.85 13.05 7.74
C HIS A 59 1.17 14.52 7.51
N SER A 1 14.97 -18.58 -2.53
CA SER A 1 15.89 -18.35 -1.38
C SER A 1 16.23 -16.86 -1.30
N PHE A 2 17.04 -16.36 -2.19
CA PHE A 2 17.39 -14.92 -2.15
C PHE A 2 16.16 -14.10 -1.80
N GLU A 3 16.34 -12.87 -1.41
CA GLU A 3 15.17 -12.02 -1.05
C GLU A 3 15.36 -10.62 -1.65
N ILE A 4 14.61 -10.29 -2.66
CA ILE A 4 14.75 -8.94 -3.28
C ILE A 4 14.76 -7.87 -2.19
N PRO A 5 15.82 -7.12 -2.08
CA PRO A 5 15.95 -6.04 -1.05
C PRO A 5 14.69 -5.19 -0.94
N ASP A 6 14.15 -5.06 0.24
CA ASP A 6 12.92 -4.24 0.42
C ASP A 6 13.21 -2.80 0.05
N ASP A 7 14.39 -2.56 -0.41
CA ASP A 7 14.79 -1.18 -0.82
C ASP A 7 14.07 -0.82 -2.11
N VAL A 8 12.93 -1.43 -2.34
CA VAL A 8 12.17 -1.13 -3.58
C VAL A 8 11.27 0.08 -3.34
N PRO A 9 11.56 1.19 -3.98
CA PRO A 9 10.76 2.44 -3.83
C PRO A 9 9.40 2.36 -4.52
N LEU A 10 8.35 2.69 -3.82
CA LEU A 10 6.99 2.64 -4.43
C LEU A 10 6.91 3.69 -5.54
N PRO A 11 5.96 3.54 -6.44
CA PRO A 11 5.75 4.50 -7.56
C PRO A 11 5.86 5.95 -7.11
N ALA A 12 5.11 6.80 -7.70
CA ALA A 12 5.17 8.24 -7.34
C ALA A 12 4.16 8.59 -6.25
N GLY A 13 4.59 9.34 -5.26
CA GLY A 13 3.67 9.75 -4.16
C GLY A 13 3.25 8.54 -3.32
N TRP A 14 4.01 7.48 -3.33
CA TRP A 14 3.62 6.29 -2.54
C TRP A 14 4.47 6.15 -1.28
N GLU A 15 3.95 5.48 -0.29
CA GLU A 15 4.74 5.31 0.97
C GLU A 15 4.12 4.17 1.79
N MET A 16 4.86 3.11 2.02
CA MET A 16 4.31 2.00 2.82
C MET A 16 4.06 2.49 4.24
N ALA A 17 2.97 2.09 4.84
CA ALA A 17 2.67 2.56 6.22
C ALA A 17 1.84 1.50 6.93
N LYS A 18 1.61 1.66 8.20
CA LYS A 18 0.79 0.64 8.91
C LYS A 18 -0.44 1.29 9.54
N THR A 19 -1.46 0.52 9.76
CA THR A 19 -2.69 1.06 10.40
C THR A 19 -2.40 1.45 11.84
N SER A 20 -3.37 1.96 12.55
CA SER A 20 -3.12 2.35 13.97
C SER A 20 -1.88 1.63 14.48
N SER A 21 -1.70 0.39 14.11
CA SER A 21 -0.49 -0.37 14.58
C SER A 21 -0.77 -1.87 14.52
N GLY A 22 -0.68 -2.47 13.36
CA GLY A 22 -0.93 -3.93 13.28
C GLY A 22 -1.04 -4.38 11.82
N GLN A 23 -1.66 -3.59 10.98
CA GLN A 23 -1.80 -4.01 9.55
C GLN A 23 -0.92 -3.13 8.67
N ARG A 24 -0.04 -3.73 7.92
CA ARG A 24 0.83 -2.93 7.02
C ARG A 24 0.07 -2.64 5.73
N TYR A 25 0.21 -1.45 5.20
CA TYR A 25 -0.52 -1.14 3.94
C TYR A 25 0.29 -0.11 3.14
N PHE A 26 -0.25 0.38 2.05
CA PHE A 26 0.50 1.36 1.24
C PHE A 26 -0.24 2.70 1.18
N LEU A 27 0.44 3.77 1.44
CA LEU A 27 -0.22 5.10 1.40
C LEU A 27 -0.05 5.72 0.01
N ASN A 28 -1.11 6.21 -0.58
CA ASN A 28 -0.99 6.82 -1.93
C ASN A 28 -1.10 8.35 -1.80
N HIS A 29 -0.06 9.06 -2.11
CA HIS A 29 -0.12 10.54 -2.02
C HIS A 29 -0.82 11.07 -3.26
N ILE A 30 -1.01 10.24 -4.24
CA ILE A 30 -1.70 10.66 -5.49
C ILE A 30 -3.21 10.56 -5.25
N ASP A 31 -3.65 9.39 -4.90
CA ASP A 31 -5.11 9.22 -4.63
C ASP A 31 -5.40 9.66 -3.21
N GLN A 32 -4.39 10.10 -2.55
CA GLN A 32 -4.55 10.58 -1.14
C GLN A 32 -5.38 9.58 -0.33
N THR A 33 -4.90 8.39 -0.19
CA THR A 33 -5.65 7.36 0.58
C THR A 33 -4.75 6.18 0.89
N THR A 34 -5.34 5.15 1.40
CA THR A 34 -4.55 3.93 1.72
C THR A 34 -5.06 2.76 0.89
N THR A 35 -4.27 1.74 0.73
CA THR A 35 -4.72 0.57 -0.07
C THR A 35 -4.13 -0.72 0.48
N TRP A 36 -4.88 -1.79 0.40
CA TRP A 36 -4.36 -3.09 0.88
C TRP A 36 -3.54 -3.70 -0.26
N GLN A 37 -3.59 -3.09 -1.41
CA GLN A 37 -2.82 -3.62 -2.57
C GLN A 37 -1.79 -2.60 -3.02
N ASP A 38 -0.71 -3.05 -3.60
CA ASP A 38 0.34 -2.11 -4.06
C ASP A 38 0.63 -2.36 -5.53
N PRO A 39 0.96 -1.33 -6.26
CA PRO A 39 1.27 -1.44 -7.71
C PRO A 39 2.38 -2.46 -7.97
N ARG A 40 3.16 -2.77 -6.98
CA ARG A 40 4.24 -3.77 -7.16
C ARG A 40 3.70 -5.17 -6.88
N LYS A 41 2.42 -5.34 -7.05
CA LYS A 41 1.81 -6.68 -6.81
C LYS A 41 0.55 -6.83 -7.67
N ALA A 42 0.51 -7.81 -8.52
CA ALA A 42 -0.69 -8.01 -9.38
C ALA A 42 -0.92 -9.50 -9.61
N MET A 43 -1.73 -10.12 -8.79
CA MET A 43 -1.99 -11.57 -8.96
C MET A 43 -3.37 -11.78 -9.60
N GLY A 44 -3.40 -11.93 -10.90
CA GLY A 44 -4.71 -12.11 -11.59
C GLY A 44 -5.66 -10.98 -11.22
N GLY A 45 -6.37 -11.13 -10.13
CA GLY A 45 -7.31 -10.06 -9.71
C GLY A 45 -7.41 -10.02 -8.18
N GLY A 46 -8.47 -10.52 -7.63
CA GLY A 46 -8.60 -10.53 -6.14
C GLY A 46 -9.49 -9.34 -5.71
N GLY A 47 -9.48 -9.03 -4.44
CA GLY A 47 -10.32 -7.89 -3.96
C GLY A 47 -11.03 -8.29 -2.67
N ASN A 48 -10.32 -8.86 -1.73
CA ASN A 48 -10.96 -9.27 -0.46
C ASN A 48 -9.98 -9.05 0.70
N TYR A 49 -10.25 -8.08 1.54
CA TYR A 49 -9.33 -7.82 2.69
C TYR A 49 -10.16 -7.48 3.93
N GLN A 50 -9.55 -6.86 4.90
CA GLN A 50 -10.30 -6.49 6.14
C GLN A 50 -11.25 -5.35 5.84
N GLY A 51 -11.59 -5.18 4.59
CA GLY A 51 -12.53 -4.08 4.21
C GLY A 51 -11.72 -2.88 3.72
N PRO A 52 -12.37 -1.93 3.10
CA PRO A 52 -11.70 -0.71 2.56
C PRO A 52 -10.81 -0.04 3.61
N PRO A 53 -9.58 0.24 3.25
CA PRO A 53 -8.61 0.89 4.16
C PRO A 53 -8.85 2.40 4.30
N PRO A 54 -9.16 2.86 5.49
CA PRO A 54 -9.40 4.30 5.76
C PRO A 54 -8.21 5.16 5.33
N PRO A 55 -8.46 6.33 4.79
CA PRO A 55 -7.38 7.25 4.34
C PRO A 55 -6.23 7.33 5.35
N TYR A 56 -5.02 7.25 4.88
CA TYR A 56 -3.85 7.31 5.81
C TYR A 56 -4.15 8.29 6.94
N PRO A 57 -3.41 8.21 8.01
CA PRO A 57 -3.59 9.10 9.19
C PRO A 57 -3.72 10.57 8.79
N LYS A 58 -4.11 11.42 9.71
CA LYS A 58 -4.26 12.86 9.39
C LYS A 58 -3.11 13.65 10.01
N HIS A 59 -2.50 14.51 9.25
CA HIS A 59 -1.36 15.31 9.81
C HIS A 59 -1.03 16.45 8.85
N SER A 1 9.41 -18.62 -4.64
CA SER A 1 10.22 -17.76 -3.73
C SER A 1 10.23 -16.32 -4.27
N PHE A 2 10.57 -16.15 -5.51
CA PHE A 2 10.61 -14.78 -6.10
C PHE A 2 11.37 -13.85 -5.16
N GLU A 3 12.67 -13.84 -5.25
CA GLU A 3 13.48 -12.96 -4.36
C GLU A 3 13.22 -11.49 -4.73
N ILE A 4 12.53 -10.77 -3.89
CA ILE A 4 12.25 -9.34 -4.19
C ILE A 4 13.26 -8.46 -3.46
N PRO A 5 13.88 -7.55 -4.17
CA PRO A 5 14.89 -6.62 -3.57
C PRO A 5 14.23 -5.54 -2.71
N ASP A 6 14.89 -5.14 -1.65
CA ASP A 6 14.30 -4.09 -0.77
C ASP A 6 14.56 -2.72 -1.36
N ASP A 7 15.16 -2.69 -2.51
CA ASP A 7 15.46 -1.40 -3.18
C ASP A 7 14.38 -1.09 -4.22
N VAL A 8 13.16 -1.47 -3.95
CA VAL A 8 12.07 -1.21 -4.92
C VAL A 8 11.17 -0.09 -4.38
N PRO A 9 11.43 1.13 -4.78
CA PRO A 9 10.64 2.31 -4.32
C PRO A 9 9.26 2.39 -4.99
N LEU A 10 8.25 2.75 -4.23
CA LEU A 10 6.89 2.84 -4.81
C LEU A 10 6.87 3.93 -5.89
N PRO A 11 5.77 4.07 -6.60
CA PRO A 11 5.64 5.10 -7.66
C PRO A 11 5.78 6.50 -7.11
N ALA A 12 5.03 7.42 -7.64
CA ALA A 12 5.13 8.82 -7.17
C ALA A 12 4.13 9.10 -6.04
N GLY A 13 4.56 9.79 -5.02
CA GLY A 13 3.64 10.12 -3.89
C GLY A 13 3.23 8.86 -3.13
N TRP A 14 4.00 7.81 -3.20
CA TRP A 14 3.63 6.56 -2.50
C TRP A 14 4.50 6.33 -1.26
N GLU A 15 3.98 5.60 -0.30
CA GLU A 15 4.79 5.34 0.92
C GLU A 15 4.19 4.17 1.70
N MET A 16 4.94 3.11 1.87
CA MET A 16 4.41 1.95 2.63
C MET A 16 4.15 2.36 4.07
N ALA A 17 3.03 1.98 4.61
CA ALA A 17 2.74 2.37 6.01
C ALA A 17 1.85 1.29 6.65
N LYS A 18 1.59 1.38 7.91
CA LYS A 18 0.73 0.35 8.54
C LYS A 18 -0.50 1.00 9.17
N THR A 19 -1.54 0.24 9.33
CA THR A 19 -2.78 0.77 9.94
C THR A 19 -2.52 1.08 11.42
N SER A 20 -3.49 1.58 12.12
CA SER A 20 -3.29 1.90 13.56
C SER A 20 -2.08 1.10 14.08
N SER A 21 -1.94 -0.11 13.65
CA SER A 21 -0.78 -0.94 14.11
C SER A 21 -1.09 -2.42 13.96
N GLY A 22 -0.95 -2.96 12.78
CA GLY A 22 -1.25 -4.42 12.60
C GLY A 22 -1.30 -4.79 11.12
N GLN A 23 -1.88 -3.96 10.30
CA GLN A 23 -1.95 -4.29 8.85
C GLN A 23 -1.04 -3.37 8.03
N ARG A 24 -0.16 -3.94 7.27
CA ARG A 24 0.75 -3.11 6.44
C ARG A 24 0.01 -2.72 5.16
N TYR A 25 0.20 -1.52 4.68
CA TYR A 25 -0.50 -1.12 3.44
C TYR A 25 0.32 -0.04 2.72
N PHE A 26 -0.20 0.52 1.67
CA PHE A 26 0.58 1.56 0.94
C PHE A 26 -0.20 2.87 0.91
N LEU A 27 0.45 3.94 1.30
CA LEU A 27 -0.23 5.26 1.30
C LEU A 27 -0.06 5.91 -0.08
N ASN A 28 -1.11 6.46 -0.62
CA ASN A 28 -0.98 7.11 -1.96
C ASN A 28 -1.13 8.63 -1.81
N HIS A 29 -0.06 9.35 -1.94
CA HIS A 29 -0.15 10.83 -1.81
C HIS A 29 -0.83 11.36 -3.07
N ILE A 30 -0.90 10.55 -4.09
CA ILE A 30 -1.55 10.98 -5.36
C ILE A 30 -3.06 10.79 -5.17
N ASP A 31 -3.45 9.60 -4.81
CA ASP A 31 -4.90 9.34 -4.59
C ASP A 31 -5.26 9.79 -3.18
N GLN A 32 -4.30 10.34 -2.51
CA GLN A 32 -4.52 10.85 -1.13
C GLN A 32 -5.33 9.84 -0.31
N THR A 33 -4.92 8.60 -0.32
CA THR A 33 -5.66 7.58 0.45
C THR A 33 -4.77 6.37 0.71
N THR A 34 -5.34 5.35 1.24
CA THR A 34 -4.56 4.12 1.53
C THR A 34 -5.09 2.97 0.67
N THR A 35 -4.27 1.98 0.41
CA THR A 35 -4.74 0.84 -0.42
C THR A 35 -4.12 -0.45 0.06
N TRP A 36 -4.86 -1.53 -0.02
CA TRP A 36 -4.32 -2.84 0.38
C TRP A 36 -3.57 -3.43 -0.82
N GLN A 37 -3.66 -2.77 -1.94
CA GLN A 37 -2.99 -3.28 -3.16
C GLN A 37 -1.96 -2.26 -3.64
N ASP A 38 -0.88 -2.72 -4.22
CA ASP A 38 0.16 -1.79 -4.71
C ASP A 38 0.69 -2.28 -6.05
N PRO A 39 1.19 -1.37 -6.86
CA PRO A 39 1.75 -1.70 -8.19
C PRO A 39 2.85 -2.77 -8.10
N ARG A 40 3.44 -2.91 -6.94
CA ARG A 40 4.51 -3.93 -6.78
C ARG A 40 3.87 -5.27 -6.48
N LYS A 41 2.63 -5.44 -6.86
CA LYS A 41 1.93 -6.73 -6.60
C LYS A 41 1.19 -7.16 -7.86
N ALA A 42 0.37 -8.17 -7.77
CA ALA A 42 -0.37 -8.64 -8.97
C ALA A 42 -1.83 -8.91 -8.59
N MET A 43 -2.74 -8.72 -9.51
CA MET A 43 -4.18 -8.98 -9.20
C MET A 43 -4.36 -10.43 -8.77
N GLY A 44 -5.53 -10.78 -8.31
CA GLY A 44 -5.78 -12.19 -7.87
C GLY A 44 -4.68 -12.62 -6.91
N GLY A 45 -4.55 -11.96 -5.79
CA GLY A 45 -3.50 -12.33 -4.80
C GLY A 45 -4.07 -12.26 -3.39
N GLY A 46 -5.35 -12.48 -3.24
CA GLY A 46 -5.95 -12.42 -1.88
C GLY A 46 -7.38 -13.00 -1.93
N GLY A 47 -8.25 -12.53 -1.08
CA GLY A 47 -9.64 -13.05 -1.09
C GLY A 47 -10.55 -12.08 -0.34
N ASN A 48 -10.63 -12.21 0.97
CA ASN A 48 -11.50 -11.30 1.76
C ASN A 48 -10.63 -10.24 2.45
N TYR A 49 -11.03 -9.00 2.36
CA TYR A 49 -10.23 -7.92 3.01
C TYR A 49 -10.97 -7.40 4.23
N GLN A 50 -10.26 -6.84 5.17
CA GLN A 50 -10.94 -6.31 6.40
C GLN A 50 -11.75 -5.07 6.03
N GLY A 51 -12.09 -4.94 4.78
CA GLY A 51 -12.88 -3.76 4.34
C GLY A 51 -11.97 -2.75 3.66
N PRO A 52 -12.49 -1.61 3.30
CA PRO A 52 -11.71 -0.53 2.63
C PRO A 52 -10.75 0.18 3.59
N PRO A 53 -9.55 0.44 3.14
CA PRO A 53 -8.52 1.12 3.96
C PRO A 53 -8.76 2.63 4.09
N PRO A 54 -8.98 3.11 5.28
CA PRO A 54 -9.21 4.57 5.54
C PRO A 54 -8.01 5.41 5.10
N PRO A 55 -8.25 6.64 4.71
CA PRO A 55 -7.17 7.56 4.26
C PRO A 55 -5.95 7.51 5.18
N TYR A 56 -4.78 7.51 4.62
CA TYR A 56 -3.54 7.47 5.45
C TYR A 56 -3.74 8.30 6.72
N PRO A 57 -2.88 8.11 7.69
CA PRO A 57 -2.94 8.85 8.98
C PRO A 57 -3.15 10.36 8.77
N LYS A 58 -3.56 11.06 9.80
CA LYS A 58 -3.78 12.53 9.66
C LYS A 58 -2.61 13.15 8.89
N HIS A 59 -2.89 14.12 8.06
CA HIS A 59 -1.80 14.77 7.29
C HIS A 59 -0.87 15.51 8.24
N SER A 1 22.12 -4.48 -2.69
CA SER A 1 22.90 -5.43 -3.52
C SER A 1 22.11 -6.74 -3.67
N PHE A 2 22.77 -7.85 -3.58
CA PHE A 2 22.06 -9.16 -3.72
C PHE A 2 21.17 -9.12 -4.97
N GLU A 3 21.60 -9.75 -6.02
CA GLU A 3 20.77 -9.76 -7.26
C GLU A 3 20.05 -8.41 -7.39
N ILE A 4 18.85 -8.43 -7.87
CA ILE A 4 18.07 -7.17 -8.03
C ILE A 4 17.21 -6.93 -6.79
N PRO A 5 17.55 -5.94 -6.01
CA PRO A 5 16.78 -5.61 -4.76
C PRO A 5 15.28 -5.58 -5.00
N ASP A 6 14.53 -6.31 -4.23
CA ASP A 6 13.05 -6.32 -4.41
C ASP A 6 12.44 -5.17 -3.63
N ASP A 7 13.27 -4.37 -3.04
CA ASP A 7 12.77 -3.21 -2.26
C ASP A 7 12.51 -2.04 -3.21
N VAL A 8 12.18 -2.33 -4.43
CA VAL A 8 11.90 -1.24 -5.41
C VAL A 8 10.97 -0.21 -4.79
N PRO A 9 11.46 0.98 -4.53
CA PRO A 9 10.65 2.07 -3.92
C PRO A 9 9.26 2.19 -4.54
N LEU A 10 8.29 2.61 -3.78
CA LEU A 10 6.91 2.76 -4.31
C LEU A 10 6.93 3.79 -5.44
N PRO A 11 5.84 3.96 -6.15
CA PRO A 11 5.73 4.95 -7.25
C PRO A 11 5.90 6.38 -6.75
N ALA A 12 5.18 7.28 -7.31
CA ALA A 12 5.29 8.69 -6.90
C ALA A 12 4.29 9.03 -5.79
N GLY A 13 4.73 9.75 -4.79
CA GLY A 13 3.82 10.15 -3.67
C GLY A 13 3.38 8.92 -2.87
N TRP A 14 4.14 7.87 -2.89
CA TRP A 14 3.75 6.64 -2.15
C TRP A 14 4.59 6.46 -0.88
N GLU A 15 4.06 5.76 0.09
CA GLU A 15 4.83 5.53 1.34
C GLU A 15 4.19 4.39 2.12
N MET A 16 4.92 3.33 2.35
CA MET A 16 4.33 2.20 3.11
C MET A 16 4.08 2.65 4.55
N ALA A 17 2.96 2.28 5.11
CA ALA A 17 2.66 2.71 6.50
C ALA A 17 1.77 1.66 7.17
N LYS A 18 1.53 1.80 8.45
CA LYS A 18 0.67 0.80 9.13
C LYS A 18 -0.61 1.45 9.63
N THR A 19 -1.62 0.66 9.79
CA THR A 19 -2.92 1.16 10.29
C THR A 19 -2.84 1.34 11.81
N SER A 20 -3.74 2.07 12.38
CA SER A 20 -3.70 2.26 13.86
C SER A 20 -3.98 0.91 14.53
N SER A 21 -3.55 -0.17 13.92
CA SER A 21 -3.81 -1.50 14.52
C SER A 21 -2.62 -2.44 14.26
N GLY A 22 -1.78 -2.15 13.29
CA GLY A 22 -0.63 -3.04 13.03
C GLY A 22 -0.72 -3.64 11.62
N GLN A 23 -1.70 -3.25 10.85
CA GLN A 23 -1.82 -3.80 9.47
C GLN A 23 -0.99 -2.94 8.52
N ARG A 24 0.00 -3.51 7.90
CA ARG A 24 0.85 -2.72 6.97
C ARG A 24 0.07 -2.41 5.69
N TYR A 25 0.16 -1.20 5.22
CA TYR A 25 -0.55 -0.84 3.97
C TYR A 25 0.28 0.22 3.22
N PHE A 26 -0.23 0.77 2.16
CA PHE A 26 0.55 1.76 1.40
C PHE A 26 -0.18 3.10 1.33
N LEU A 27 0.49 4.16 1.70
CA LEU A 27 -0.17 5.50 1.66
C LEU A 27 0.01 6.11 0.27
N ASN A 28 -1.05 6.51 -0.36
CA ASN A 28 -0.93 7.12 -1.71
C ASN A 28 -1.09 8.64 -1.60
N HIS A 29 -0.01 9.38 -1.75
CA HIS A 29 -0.12 10.86 -1.66
C HIS A 29 -0.77 11.36 -2.94
N ILE A 30 -0.84 10.52 -3.94
CA ILE A 30 -1.49 10.93 -5.21
C ILE A 30 -2.99 10.73 -5.08
N ASP A 31 -3.38 9.55 -4.68
CA ASP A 31 -4.83 9.27 -4.50
C ASP A 31 -5.22 9.68 -3.08
N GLN A 32 -4.30 10.24 -2.38
CA GLN A 32 -4.55 10.70 -0.99
C GLN A 32 -5.40 9.66 -0.25
N THR A 33 -4.84 8.51 0.02
CA THR A 33 -5.59 7.46 0.73
C THR A 33 -4.68 6.28 1.02
N THR A 34 -5.24 5.22 1.48
CA THR A 34 -4.43 4.02 1.80
C THR A 34 -4.94 2.84 0.97
N THR A 35 -4.09 1.88 0.72
CA THR A 35 -4.52 0.70 -0.08
C THR A 35 -3.95 -0.58 0.50
N TRP A 36 -4.68 -1.65 0.39
CA TRP A 36 -4.19 -2.95 0.90
C TRP A 36 -3.35 -3.59 -0.21
N GLN A 37 -3.36 -2.99 -1.37
CA GLN A 37 -2.58 -3.55 -2.49
C GLN A 37 -1.51 -2.55 -2.95
N ASP A 38 -0.50 -3.03 -3.62
CA ASP A 38 0.58 -2.11 -4.08
C ASP A 38 1.02 -2.53 -5.49
N PRO A 39 1.51 -1.59 -6.25
CA PRO A 39 2.00 -1.84 -7.64
C PRO A 39 3.02 -2.97 -7.69
N ARG A 40 3.73 -3.20 -6.62
CA ARG A 40 4.75 -4.28 -6.61
C ARG A 40 4.08 -5.59 -6.17
N LYS A 41 2.81 -5.72 -6.41
CA LYS A 41 2.09 -6.96 -6.02
C LYS A 41 0.88 -7.16 -6.93
N ALA A 42 0.18 -8.25 -6.78
CA ALA A 42 -1.02 -8.49 -7.63
C ALA A 42 -1.55 -9.90 -7.38
N MET A 43 -1.48 -10.35 -6.15
CA MET A 43 -1.98 -11.73 -5.84
C MET A 43 -1.45 -12.16 -4.47
N GLY A 44 -1.49 -13.43 -4.19
CA GLY A 44 -0.99 -13.91 -2.87
C GLY A 44 -2.11 -14.66 -2.14
N GLY A 45 -3.33 -14.36 -2.45
CA GLY A 45 -4.47 -15.05 -1.78
C GLY A 45 -5.63 -14.08 -1.61
N GLY A 46 -5.80 -13.16 -2.53
CA GLY A 46 -6.91 -12.18 -2.41
C GLY A 46 -8.21 -12.92 -2.11
N GLY A 47 -9.30 -12.21 -1.99
CA GLY A 47 -10.61 -12.88 -1.70
C GLY A 47 -11.36 -12.08 -0.64
N ASN A 48 -10.90 -12.08 0.57
CA ASN A 48 -11.60 -11.32 1.64
C ASN A 48 -10.59 -10.42 2.37
N TYR A 49 -10.59 -9.15 2.09
CA TYR A 49 -9.63 -8.24 2.77
C TYR A 49 -10.22 -7.80 4.12
N GLN A 50 -9.40 -7.24 4.97
CA GLN A 50 -9.90 -6.79 6.30
C GLN A 50 -10.88 -5.63 6.10
N GLY A 51 -11.43 -5.53 4.93
CA GLY A 51 -12.40 -4.43 4.66
C GLY A 51 -11.69 -3.32 3.89
N PRO A 52 -12.44 -2.52 3.18
CA PRO A 52 -11.87 -1.40 2.37
C PRO A 52 -10.81 -0.62 3.16
N PRO A 53 -9.78 -0.18 2.47
CA PRO A 53 -8.66 0.58 3.10
C PRO A 53 -9.05 2.02 3.42
N PRO A 54 -9.03 2.39 4.67
CA PRO A 54 -9.38 3.76 5.12
C PRO A 54 -8.22 4.74 4.89
N PRO A 55 -8.47 5.81 4.19
CA PRO A 55 -7.44 6.83 3.88
C PRO A 55 -6.55 7.12 5.09
N TYR A 56 -5.27 7.16 4.88
CA TYR A 56 -4.33 7.44 6.00
C TYR A 56 -4.96 8.47 6.93
N PRO A 57 -4.49 8.53 8.15
CA PRO A 57 -5.01 9.49 9.17
C PRO A 57 -5.07 10.92 8.64
N LYS A 58 -6.20 11.56 8.77
CA LYS A 58 -6.32 12.96 8.26
C LYS A 58 -5.20 13.82 8.86
N HIS A 59 -4.24 14.19 8.05
CA HIS A 59 -3.12 15.03 8.58
C HIS A 59 -2.77 14.57 9.99
N SER A 1 28.28 -9.63 -9.02
CA SER A 1 26.95 -10.19 -9.38
C SER A 1 25.90 -9.08 -9.33
N PHE A 2 26.33 -7.86 -9.16
CA PHE A 2 25.35 -6.73 -9.10
C PHE A 2 24.08 -7.19 -8.38
N GLU A 3 23.99 -6.94 -7.11
CA GLU A 3 22.77 -7.36 -6.35
C GLU A 3 21.67 -6.33 -6.54
N ILE A 4 20.55 -6.71 -7.08
CA ILE A 4 19.43 -5.75 -7.29
C ILE A 4 18.84 -5.37 -5.92
N PRO A 5 18.97 -4.13 -5.54
CA PRO A 5 18.44 -3.63 -4.24
C PRO A 5 17.00 -4.10 -3.98
N ASP A 6 16.77 -4.73 -2.86
CA ASP A 6 15.39 -5.20 -2.55
C ASP A 6 14.59 -4.07 -1.93
N ASP A 7 15.19 -2.93 -1.84
CA ASP A 7 14.50 -1.75 -1.25
C ASP A 7 13.74 -1.00 -2.34
N VAL A 8 13.26 -1.71 -3.32
CA VAL A 8 12.50 -1.05 -4.42
C VAL A 8 11.47 -0.09 -3.82
N PRO A 9 11.64 1.19 -4.02
CA PRO A 9 10.72 2.22 -3.48
C PRO A 9 9.37 2.22 -4.20
N LEU A 10 8.32 2.57 -3.50
CA LEU A 10 6.97 2.60 -4.13
C LEU A 10 6.99 3.61 -5.28
N PRO A 11 5.93 3.67 -6.06
CA PRO A 11 5.83 4.62 -7.21
C PRO A 11 5.94 6.07 -6.74
N ALA A 12 5.20 6.93 -7.36
CA ALA A 12 5.27 8.36 -7.01
C ALA A 12 4.22 8.71 -5.93
N GLY A 13 4.62 9.48 -4.95
CA GLY A 13 3.67 9.88 -3.88
C GLY A 13 3.23 8.67 -3.04
N TRP A 14 4.02 7.64 -3.02
CA TRP A 14 3.62 6.43 -2.23
C TRP A 14 4.44 6.30 -0.96
N GLU A 15 3.92 5.59 0.01
CA GLU A 15 4.67 5.40 1.29
C GLU A 15 4.06 4.22 2.05
N MET A 16 4.80 3.15 2.21
CA MET A 16 4.24 2.00 2.95
C MET A 16 4.02 2.41 4.40
N ALA A 17 2.92 2.04 4.97
CA ALA A 17 2.64 2.44 6.37
C ALA A 17 1.78 1.38 7.05
N LYS A 18 1.56 1.48 8.33
CA LYS A 18 0.71 0.47 9.01
C LYS A 18 -0.53 1.11 9.58
N THR A 19 -1.54 0.32 9.76
CA THR A 19 -2.81 0.82 10.32
C THR A 19 -2.67 0.93 11.84
N SER A 20 -3.54 1.65 12.48
CA SER A 20 -3.45 1.78 13.96
C SER A 20 -3.70 0.40 14.58
N SER A 21 -3.32 -0.65 13.91
CA SER A 21 -3.54 -2.01 14.47
C SER A 21 -2.36 -2.94 14.13
N GLY A 22 -1.59 -2.61 13.12
CA GLY A 22 -0.43 -3.48 12.78
C GLY A 22 -0.58 -4.02 11.35
N GLN A 23 -1.60 -3.63 10.64
CA GLN A 23 -1.77 -4.13 9.25
C GLN A 23 -0.93 -3.27 8.31
N ARG A 24 0.03 -3.85 7.66
CA ARG A 24 0.88 -3.06 6.73
C ARG A 24 0.08 -2.70 5.47
N TYR A 25 0.14 -1.48 5.05
CA TYR A 25 -0.58 -1.08 3.82
C TYR A 25 0.23 -0.02 3.08
N PHE A 26 -0.29 0.54 2.04
CA PHE A 26 0.49 1.55 1.28
C PHE A 26 -0.28 2.86 1.17
N LEU A 27 0.35 3.94 1.56
CA LEU A 27 -0.33 5.27 1.47
C LEU A 27 -0.13 5.85 0.08
N ASN A 28 -1.17 6.31 -0.55
CA ASN A 28 -1.03 6.90 -1.91
C ASN A 28 -1.20 8.42 -1.82
N HIS A 29 -0.15 9.15 -1.99
CA HIS A 29 -0.25 10.63 -1.95
C HIS A 29 -0.90 11.10 -3.25
N ILE A 30 -0.95 10.22 -4.22
CA ILE A 30 -1.58 10.59 -5.51
C ILE A 30 -3.08 10.38 -5.38
N ASP A 31 -3.47 9.20 -4.97
CA ASP A 31 -4.92 8.92 -4.79
C ASP A 31 -5.33 9.42 -3.42
N GLN A 32 -4.40 10.00 -2.73
CA GLN A 32 -4.68 10.55 -1.38
C GLN A 32 -5.50 9.54 -0.56
N THR A 33 -5.05 8.32 -0.49
CA THR A 33 -5.79 7.31 0.30
C THR A 33 -4.89 6.14 0.64
N THR A 34 -5.45 5.12 1.19
CA THR A 34 -4.65 3.92 1.56
C THR A 34 -5.13 2.72 0.73
N THR A 35 -4.26 1.79 0.46
CA THR A 35 -4.66 0.60 -0.33
C THR A 35 -4.05 -0.67 0.26
N TRP A 36 -4.76 -1.75 0.15
CA TRP A 36 -4.24 -3.03 0.67
C TRP A 36 -3.43 -3.69 -0.46
N GLN A 37 -3.46 -3.09 -1.61
CA GLN A 37 -2.71 -3.67 -2.76
C GLN A 37 -1.35 -2.98 -2.90
N ASP A 38 -0.35 -3.70 -3.36
CA ASP A 38 0.98 -3.09 -3.52
C ASP A 38 1.22 -2.73 -4.99
N PRO A 39 1.84 -1.63 -5.25
CA PRO A 39 2.14 -1.18 -6.64
C PRO A 39 3.04 -2.18 -7.36
N ARG A 40 3.73 -3.01 -6.60
CA ARG A 40 4.62 -4.02 -7.23
C ARG A 40 3.80 -5.24 -7.65
N LYS A 41 2.54 -5.04 -7.89
CA LYS A 41 1.67 -6.17 -8.31
C LYS A 41 0.61 -5.67 -9.30
N ALA A 42 -0.08 -6.57 -9.95
CA ALA A 42 -1.11 -6.14 -10.93
C ALA A 42 -1.75 -7.39 -11.56
N MET A 43 -2.86 -7.21 -12.23
CA MET A 43 -3.53 -8.38 -12.87
C MET A 43 -3.88 -9.42 -11.79
N GLY A 44 -4.68 -9.04 -10.83
CA GLY A 44 -5.06 -10.01 -9.76
C GLY A 44 -6.51 -9.79 -9.37
N GLY A 45 -6.76 -9.03 -8.33
CA GLY A 45 -8.16 -8.78 -7.91
C GLY A 45 -8.73 -10.03 -7.23
N GLY A 46 -9.15 -9.92 -6.00
CA GLY A 46 -9.70 -11.11 -5.29
C GLY A 46 -10.95 -10.70 -4.50
N GLY A 47 -10.91 -10.80 -3.20
CA GLY A 47 -12.10 -10.42 -2.39
C GLY A 47 -11.69 -9.35 -1.38
N ASN A 48 -11.62 -8.12 -1.80
CA ASN A 48 -11.23 -7.03 -0.85
C ASN A 48 -10.10 -7.51 0.04
N TYR A 49 -10.06 -7.06 1.27
CA TYR A 49 -8.98 -7.50 2.19
C TYR A 49 -9.46 -7.39 3.64
N GLN A 50 -8.62 -6.93 4.53
CA GLN A 50 -9.05 -6.80 5.95
C GLN A 50 -10.12 -5.72 6.07
N GLY A 51 -10.77 -5.43 4.98
CA GLY A 51 -11.83 -4.38 5.00
C GLY A 51 -11.31 -3.13 4.30
N PRO A 52 -12.20 -2.36 3.74
CA PRO A 52 -11.84 -1.10 3.02
C PRO A 52 -10.77 -0.29 3.76
N PRO A 53 -9.72 0.07 3.07
CA PRO A 53 -8.59 0.85 3.67
C PRO A 53 -8.95 2.32 3.87
N PRO A 54 -8.89 2.80 5.10
CA PRO A 54 -9.20 4.21 5.42
C PRO A 54 -8.06 5.16 5.03
N PRO A 55 -8.39 6.33 4.54
CA PRO A 55 -7.38 7.33 4.11
C PRO A 55 -6.19 7.41 5.09
N TYR A 56 -5.01 7.38 4.56
CA TYR A 56 -3.80 7.46 5.42
C TYR A 56 -4.05 8.41 6.61
N PRO A 57 -3.22 8.35 7.61
CA PRO A 57 -3.35 9.22 8.81
C PRO A 57 -3.51 10.70 8.43
N LYS A 58 -4.12 11.48 9.29
CA LYS A 58 -4.30 12.92 8.97
C LYS A 58 -2.96 13.53 8.55
N HIS A 59 -2.97 14.41 7.58
CA HIS A 59 -1.69 15.02 7.14
C HIS A 59 -1.04 15.75 8.32
N SER A 1 11.89 -8.19 -20.67
CA SER A 1 11.54 -7.90 -19.25
C SER A 1 12.56 -6.93 -18.66
N PHE A 2 13.69 -6.78 -19.29
CA PHE A 2 14.73 -5.85 -18.77
C PHE A 2 15.04 -6.21 -17.31
N GLU A 3 15.61 -5.29 -16.57
CA GLU A 3 15.93 -5.58 -15.15
C GLU A 3 15.68 -4.33 -14.30
N ILE A 4 14.81 -4.42 -13.33
CA ILE A 4 14.52 -3.24 -12.47
C ILE A 4 15.43 -3.28 -11.24
N PRO A 5 16.14 -2.20 -10.99
CA PRO A 5 17.05 -2.09 -9.83
C PRO A 5 16.44 -2.66 -8.55
N ASP A 6 17.26 -3.10 -7.63
CA ASP A 6 16.72 -3.66 -6.35
C ASP A 6 16.37 -2.52 -5.40
N ASP A 7 16.54 -1.33 -5.86
CA ASP A 7 16.24 -0.14 -5.01
C ASP A 7 15.11 0.67 -5.64
N VAL A 8 14.15 0.01 -6.24
CA VAL A 8 13.02 0.73 -6.88
C VAL A 8 11.88 0.90 -5.88
N PRO A 9 11.64 2.10 -5.43
CA PRO A 9 10.55 2.40 -4.46
C PRO A 9 9.16 2.27 -5.09
N LEU A 10 8.13 2.29 -4.29
CA LEU A 10 6.76 2.17 -4.85
C LEU A 10 6.61 3.18 -6.00
N PRO A 11 5.41 3.31 -6.52
CA PRO A 11 5.13 4.27 -7.62
C PRO A 11 5.37 5.71 -7.19
N ALA A 12 4.60 6.61 -7.68
CA ALA A 12 4.81 8.03 -7.32
C ALA A 12 3.96 8.43 -6.12
N GLY A 13 4.55 9.13 -5.18
CA GLY A 13 3.79 9.59 -3.98
C GLY A 13 3.38 8.41 -3.11
N TRP A 14 4.06 7.31 -3.19
CA TRP A 14 3.67 6.14 -2.36
C TRP A 14 4.57 5.97 -1.16
N GLU A 15 4.07 5.35 -0.12
CA GLU A 15 4.91 5.15 1.10
C GLU A 15 4.27 4.07 1.98
N MET A 16 4.99 3.03 2.29
CA MET A 16 4.40 1.96 3.14
C MET A 16 4.11 2.54 4.51
N ALA A 17 3.00 2.16 5.09
CA ALA A 17 2.66 2.69 6.43
C ALA A 17 1.82 1.64 7.16
N LYS A 18 1.50 1.85 8.41
CA LYS A 18 0.70 0.84 9.12
C LYS A 18 -0.63 1.46 9.57
N THR A 19 -1.61 0.62 9.76
CA THR A 19 -2.94 1.12 10.21
C THR A 19 -2.83 1.59 11.64
N SER A 20 -3.90 2.09 12.20
CA SER A 20 -3.85 2.57 13.62
C SER A 20 -2.64 1.95 14.32
N SER A 21 -2.36 0.71 14.04
CA SER A 21 -1.19 0.06 14.68
C SER A 21 -1.38 -1.46 14.69
N GLY A 22 -1.11 -2.13 13.59
CA GLY A 22 -1.29 -3.60 13.57
C GLY A 22 -1.22 -4.13 12.13
N GLN A 23 -1.81 -3.44 11.19
CA GLN A 23 -1.78 -3.93 9.79
C GLN A 23 -0.89 -3.03 8.94
N ARG A 24 -0.10 -3.61 8.09
CA ARG A 24 0.78 -2.80 7.22
C ARG A 24 0.06 -2.53 5.89
N TYR A 25 0.14 -1.33 5.39
CA TYR A 25 -0.53 -1.04 4.10
C TYR A 25 0.32 -0.03 3.33
N PHE A 26 -0.13 0.45 2.21
CA PHE A 26 0.70 1.42 1.46
C PHE A 26 -0.08 2.73 1.28
N LEU A 27 0.55 3.82 1.60
CA LEU A 27 -0.14 5.14 1.48
C LEU A 27 0.04 5.72 0.07
N ASN A 28 -0.99 6.28 -0.47
CA ASN A 28 -0.91 6.88 -1.82
C ASN A 28 -1.01 8.40 -1.71
N HIS A 29 0.08 9.09 -1.89
CA HIS A 29 0.04 10.57 -1.79
C HIS A 29 -0.62 11.12 -3.06
N ILE A 30 -0.78 10.27 -4.04
CA ILE A 30 -1.42 10.71 -5.31
C ILE A 30 -2.93 10.59 -5.16
N ASP A 31 -3.38 9.44 -4.81
CA ASP A 31 -4.86 9.23 -4.65
C ASP A 31 -5.25 9.58 -3.21
N GLN A 32 -4.32 10.08 -2.48
CA GLN A 32 -4.60 10.47 -1.07
C GLN A 32 -5.39 9.37 -0.36
N THR A 33 -4.81 8.21 -0.23
CA THR A 33 -5.52 7.09 0.45
C THR A 33 -4.53 6.02 0.87
N THR A 34 -5.03 4.90 1.30
CA THR A 34 -4.12 3.81 1.71
C THR A 34 -4.30 2.61 0.76
N THR A 35 -3.54 1.57 0.95
CA THR A 35 -3.65 0.40 0.04
C THR A 35 -3.43 -0.90 0.79
N TRP A 36 -4.30 -1.85 0.61
CA TRP A 36 -4.11 -3.17 1.29
C TRP A 36 -3.18 -4.01 0.43
N GLN A 37 -3.09 -3.67 -0.83
CA GLN A 37 -2.21 -4.44 -1.74
C GLN A 37 -0.97 -3.61 -2.08
N ASP A 38 0.11 -4.25 -2.42
CA ASP A 38 1.35 -3.49 -2.76
C ASP A 38 1.26 -3.02 -4.22
N PRO A 39 1.57 -1.78 -4.47
CA PRO A 39 1.55 -1.21 -5.85
C PRO A 39 2.62 -1.85 -6.72
N ARG A 40 3.57 -2.50 -6.11
CA ARG A 40 4.65 -3.16 -6.88
C ARG A 40 4.09 -4.41 -7.56
N LYS A 41 2.80 -4.44 -7.74
CA LYS A 41 2.17 -5.61 -8.40
C LYS A 41 1.03 -5.15 -9.29
N ALA A 42 0.79 -5.82 -10.39
CA ALA A 42 -0.31 -5.41 -11.30
C ALA A 42 -1.57 -6.22 -10.97
N MET A 43 -2.23 -5.89 -9.91
CA MET A 43 -3.47 -6.64 -9.55
C MET A 43 -4.54 -5.66 -9.06
N GLY A 44 -5.69 -6.15 -8.72
CA GLY A 44 -6.78 -5.24 -8.24
C GLY A 44 -8.05 -6.05 -7.96
N GLY A 45 -7.94 -7.36 -7.94
CA GLY A 45 -9.14 -8.20 -7.68
C GLY A 45 -8.96 -8.93 -6.35
N GLY A 46 -7.94 -9.74 -6.22
CA GLY A 46 -7.73 -10.48 -4.95
C GLY A 46 -9.05 -11.09 -4.49
N GLY A 47 -9.59 -10.60 -3.41
CA GLY A 47 -10.89 -11.17 -2.91
C GLY A 47 -10.91 -11.13 -1.39
N ASN A 48 -12.02 -10.75 -0.81
CA ASN A 48 -12.12 -10.68 0.67
C ASN A 48 -11.04 -9.73 1.21
N TYR A 49 -11.42 -8.82 2.05
CA TYR A 49 -10.41 -7.86 2.61
C TYR A 49 -10.86 -7.42 4.00
N GLN A 50 -9.94 -6.98 4.83
CA GLN A 50 -10.31 -6.53 6.19
C GLN A 50 -11.19 -5.29 6.09
N GLY A 51 -11.81 -5.10 4.97
CA GLY A 51 -12.68 -3.90 4.78
C GLY A 51 -11.92 -2.84 3.99
N PRO A 52 -12.61 -2.06 3.21
CA PRO A 52 -12.00 -0.98 2.39
C PRO A 52 -10.91 -0.23 3.15
N PRO A 53 -9.87 0.17 2.47
CA PRO A 53 -8.73 0.91 3.10
C PRO A 53 -9.11 2.35 3.45
N PRO A 54 -9.07 2.68 4.71
CA PRO A 54 -9.39 4.05 5.19
C PRO A 54 -8.23 5.02 4.97
N PRO A 55 -8.54 6.26 4.65
CA PRO A 55 -7.50 7.28 4.41
C PRO A 55 -6.35 7.19 5.40
N TYR A 56 -5.14 7.19 4.93
CA TYR A 56 -3.96 7.10 5.83
C TYR A 56 -4.22 7.95 7.07
N PRO A 57 -3.41 7.77 8.09
CA PRO A 57 -3.52 8.52 9.36
C PRO A 57 -3.69 10.03 9.13
N LYS A 58 -4.40 10.70 10.00
CA LYS A 58 -4.60 12.16 9.83
C LYS A 58 -3.24 12.84 9.65
N HIS A 59 -3.21 13.95 8.96
CA HIS A 59 -1.92 14.66 8.75
C HIS A 59 -1.13 14.69 10.05
N SER A 1 25.44 -7.50 -4.58
CA SER A 1 25.05 -6.63 -3.43
C SER A 1 24.50 -7.50 -2.30
N PHE A 2 23.67 -6.94 -1.46
CA PHE A 2 23.09 -7.73 -0.33
C PHE A 2 21.93 -8.57 -0.85
N GLU A 3 21.01 -8.93 0.01
CA GLU A 3 19.86 -9.75 -0.42
C GLU A 3 18.78 -8.82 -0.99
N ILE A 4 18.10 -9.25 -2.02
CA ILE A 4 17.04 -8.40 -2.62
C ILE A 4 16.30 -7.64 -1.51
N PRO A 5 16.65 -6.40 -1.33
CA PRO A 5 16.03 -5.53 -0.28
C PRO A 5 14.50 -5.53 -0.37
N ASP A 6 13.83 -5.84 0.71
CA ASP A 6 12.34 -5.85 0.69
C ASP A 6 11.83 -4.42 0.73
N ASP A 7 12.73 -3.49 0.70
CA ASP A 7 12.34 -2.05 0.74
C ASP A 7 12.12 -1.55 -0.69
N VAL A 8 11.66 -2.41 -1.56
CA VAL A 8 11.43 -1.99 -2.97
C VAL A 8 10.66 -0.66 -2.98
N PRO A 9 11.33 0.41 -3.33
CA PRO A 9 10.71 1.76 -3.37
C PRO A 9 9.37 1.77 -4.11
N LEU A 10 8.35 2.31 -3.50
CA LEU A 10 7.02 2.37 -4.15
C LEU A 10 7.06 3.38 -5.31
N PRO A 11 6.01 3.47 -6.09
CA PRO A 11 5.94 4.43 -7.23
C PRO A 11 6.04 5.87 -6.76
N ALA A 12 5.30 6.73 -7.38
CA ALA A 12 5.36 8.16 -7.02
C ALA A 12 4.31 8.50 -5.97
N GLY A 13 4.68 9.29 -4.99
CA GLY A 13 3.71 9.69 -3.92
C GLY A 13 3.28 8.47 -3.09
N TRP A 14 4.08 7.44 -3.05
CA TRP A 14 3.70 6.23 -2.27
C TRP A 14 4.53 6.12 -1.00
N GLU A 15 3.99 5.43 -0.01
CA GLU A 15 4.77 5.26 1.25
C GLU A 15 4.16 4.12 2.06
N MET A 16 4.92 3.09 2.35
CA MET A 16 4.38 1.97 3.14
C MET A 16 4.09 2.45 4.56
N ALA A 17 2.98 2.08 5.12
CA ALA A 17 2.65 2.56 6.49
C ALA A 17 1.77 1.51 7.19
N LYS A 18 1.52 1.70 8.46
CA LYS A 18 0.66 0.71 9.18
C LYS A 18 -0.63 1.35 9.63
N THR A 19 -1.62 0.53 9.82
CA THR A 19 -2.94 1.01 10.27
C THR A 19 -2.90 1.24 11.78
N SER A 20 -3.83 1.98 12.31
CA SER A 20 -3.84 2.20 13.78
C SER A 20 -4.09 0.87 14.49
N SER A 21 -3.60 -0.21 13.94
CA SER A 21 -3.82 -1.54 14.57
C SER A 21 -2.58 -2.42 14.40
N GLY A 22 -1.75 -2.14 13.42
CA GLY A 22 -0.54 -2.99 13.25
C GLY A 22 -0.57 -3.69 11.88
N GLN A 23 -1.51 -3.34 11.03
CA GLN A 23 -1.56 -3.98 9.70
C GLN A 23 -0.77 -3.13 8.70
N ARG A 24 0.27 -3.68 8.14
CA ARG A 24 1.08 -2.91 7.17
C ARG A 24 0.31 -2.69 5.88
N TYR A 25 0.34 -1.50 5.35
CA TYR A 25 -0.36 -1.22 4.07
C TYR A 25 0.43 -0.18 3.29
N PHE A 26 -0.10 0.29 2.20
CA PHE A 26 0.65 1.29 1.38
C PHE A 26 -0.16 2.58 1.25
N LEU A 27 0.46 3.69 1.56
CA LEU A 27 -0.26 4.99 1.44
C LEU A 27 -0.06 5.56 0.03
N ASN A 28 -1.10 6.10 -0.55
CA ASN A 28 -0.96 6.68 -1.91
C ASN A 28 -1.14 8.19 -1.84
N HIS A 29 -0.07 8.93 -1.99
CA HIS A 29 -0.19 10.41 -1.95
C HIS A 29 -0.82 10.88 -3.25
N ILE A 30 -0.86 10.01 -4.23
CA ILE A 30 -1.47 10.36 -5.53
C ILE A 30 -2.97 10.14 -5.42
N ASP A 31 -3.35 8.98 -4.98
CA ASP A 31 -4.80 8.69 -4.81
C ASP A 31 -5.24 9.15 -3.43
N GLN A 32 -4.35 9.77 -2.74
CA GLN A 32 -4.67 10.29 -1.38
C GLN A 32 -5.47 9.26 -0.59
N THR A 33 -5.00 8.04 -0.56
CA THR A 33 -5.73 6.99 0.20
C THR A 33 -4.79 5.87 0.57
N THR A 34 -5.32 4.81 1.10
CA THR A 34 -4.47 3.66 1.49
C THR A 34 -4.91 2.42 0.69
N THR A 35 -4.03 1.46 0.58
CA THR A 35 -4.39 0.24 -0.19
C THR A 35 -3.82 -1.00 0.50
N TRP A 36 -4.51 -2.09 0.40
CA TRP A 36 -4.02 -3.35 1.01
C TRP A 36 -3.12 -4.03 0.00
N GLN A 37 -3.05 -3.50 -1.19
CA GLN A 37 -2.20 -4.11 -2.24
C GLN A 37 -1.18 -3.08 -2.74
N ASP A 38 -0.03 -3.52 -3.14
CA ASP A 38 1.00 -2.56 -3.64
C ASP A 38 0.64 -2.14 -5.06
N PRO A 39 0.91 -0.91 -5.39
CA PRO A 39 0.62 -0.37 -6.75
C PRO A 39 1.54 -1.00 -7.80
N ARG A 40 2.63 -1.57 -7.36
CA ARG A 40 3.57 -2.21 -8.33
C ARG A 40 2.94 -3.51 -8.84
N LYS A 41 1.65 -3.61 -8.75
CA LYS A 41 0.95 -4.83 -9.23
C LYS A 41 0.06 -4.48 -10.43
N ALA A 42 -0.17 -5.43 -11.30
CA ALA A 42 -1.03 -5.14 -12.48
C ALA A 42 -2.50 -5.36 -12.11
N MET A 43 -3.11 -4.40 -11.47
CA MET A 43 -4.53 -4.56 -11.09
C MET A 43 -4.78 -5.99 -10.61
N GLY A 44 -4.73 -6.21 -9.32
CA GLY A 44 -4.96 -7.59 -8.79
C GLY A 44 -6.46 -7.78 -8.51
N GLY A 45 -6.88 -7.50 -7.31
CA GLY A 45 -8.32 -7.67 -6.97
C GLY A 45 -8.61 -9.15 -6.67
N GLY A 46 -8.48 -9.55 -5.44
CA GLY A 46 -8.75 -10.97 -5.08
C GLY A 46 -9.97 -11.06 -4.17
N GLY A 47 -9.76 -11.35 -2.91
CA GLY A 47 -10.91 -11.44 -1.97
C GLY A 47 -11.30 -10.04 -1.50
N ASN A 48 -11.49 -9.86 -0.21
CA ASN A 48 -11.88 -8.52 0.30
C ASN A 48 -10.74 -7.97 1.17
N TYR A 49 -9.77 -8.78 1.47
CA TYR A 49 -8.63 -8.30 2.31
C TYR A 49 -9.11 -8.15 3.76
N GLN A 50 -8.48 -7.30 4.51
CA GLN A 50 -8.90 -7.11 5.93
C GLN A 50 -9.99 -6.04 6.00
N GLY A 51 -10.65 -5.82 4.91
CA GLY A 51 -11.74 -4.79 4.90
C GLY A 51 -11.30 -3.60 4.05
N PRO A 52 -12.11 -2.57 4.02
CA PRO A 52 -11.82 -1.34 3.23
C PRO A 52 -10.73 -0.48 3.89
N PRO A 53 -9.72 -0.13 3.14
CA PRO A 53 -8.59 0.69 3.65
C PRO A 53 -8.96 2.18 3.79
N PRO A 54 -8.89 2.69 4.99
CA PRO A 54 -9.22 4.12 5.27
C PRO A 54 -8.06 5.05 4.89
N PRO A 55 -8.36 6.24 4.46
CA PRO A 55 -7.34 7.24 4.06
C PRO A 55 -6.14 7.25 5.00
N TYR A 56 -4.96 7.22 4.45
CA TYR A 56 -3.73 7.22 5.29
C TYR A 56 -3.93 8.11 6.52
N PRO A 57 -3.09 7.98 7.50
CA PRO A 57 -3.15 8.79 8.75
C PRO A 57 -3.28 10.30 8.46
N LYS A 58 -3.57 11.08 9.45
CA LYS A 58 -3.71 12.54 9.23
C LYS A 58 -2.38 13.23 9.52
N HIS A 59 -1.89 14.02 8.60
CA HIS A 59 -0.59 14.72 8.82
C HIS A 59 -0.78 15.80 9.89
N SER A 1 18.50 -14.79 4.26
CA SER A 1 17.29 -14.58 5.10
C SER A 1 16.23 -13.82 4.28
N PHE A 2 15.42 -13.03 4.93
CA PHE A 2 14.38 -12.27 4.20
C PHE A 2 14.70 -10.77 4.24
N GLU A 3 14.75 -10.13 3.11
CA GLU A 3 15.06 -8.67 3.10
C GLU A 3 14.34 -8.00 1.93
N ILE A 4 13.68 -6.90 2.17
CA ILE A 4 12.96 -6.21 1.06
C ILE A 4 13.90 -5.21 0.39
N PRO A 5 14.26 -5.45 -0.85
CA PRO A 5 15.17 -4.56 -1.62
C PRO A 5 14.76 -3.09 -1.50
N ASP A 6 15.66 -2.24 -1.10
CA ASP A 6 15.33 -0.79 -0.97
C ASP A 6 15.51 -0.11 -2.32
N ASP A 7 15.84 -0.88 -3.31
CA ASP A 7 16.05 -0.31 -4.67
C ASP A 7 14.79 -0.54 -5.50
N VAL A 8 13.64 -0.50 -4.89
CA VAL A 8 12.38 -0.72 -5.65
C VAL A 8 11.25 0.09 -5.01
N PRO A 9 11.37 1.39 -5.01
CA PRO A 9 10.35 2.30 -4.42
C PRO A 9 8.97 2.11 -5.06
N LEU A 10 7.93 2.58 -4.41
CA LEU A 10 6.57 2.43 -4.98
C LEU A 10 6.38 3.47 -6.07
N PRO A 11 5.17 3.61 -6.59
CA PRO A 11 4.86 4.60 -7.65
C PRO A 11 5.09 6.01 -7.15
N ALA A 12 4.32 6.93 -7.62
CA ALA A 12 4.50 8.34 -7.21
C ALA A 12 3.66 8.68 -5.98
N GLY A 13 4.26 9.35 -5.02
CA GLY A 13 3.50 9.77 -3.80
C GLY A 13 3.09 8.54 -2.98
N TRP A 14 3.77 7.44 -3.12
CA TRP A 14 3.38 6.24 -2.33
C TRP A 14 4.30 6.03 -1.14
N GLU A 15 3.82 5.37 -0.13
CA GLU A 15 4.66 5.12 1.07
C GLU A 15 4.05 4.01 1.92
N MET A 16 4.79 2.96 2.18
CA MET A 16 4.23 1.87 3.01
C MET A 16 3.99 2.39 4.43
N ALA A 17 2.89 2.04 5.02
CA ALA A 17 2.59 2.53 6.38
C ALA A 17 1.71 1.53 7.11
N LYS A 18 1.47 1.72 8.38
CA LYS A 18 0.61 0.75 9.10
C LYS A 18 -0.65 1.43 9.59
N THR A 19 -1.67 0.65 9.79
CA THR A 19 -2.96 1.17 10.27
C THR A 19 -2.88 1.41 11.77
N SER A 20 -3.80 2.14 12.33
CA SER A 20 -3.76 2.38 13.80
C SER A 20 -4.02 1.04 14.51
N SER A 21 -3.63 -0.05 13.90
CA SER A 21 -3.86 -1.38 14.54
C SER A 21 -2.64 -2.27 14.33
N GLY A 22 -1.83 -2.02 13.34
CA GLY A 22 -0.64 -2.88 13.12
C GLY A 22 -0.72 -3.57 11.75
N GLN A 23 -1.70 -3.24 10.95
CA GLN A 23 -1.80 -3.89 9.62
C GLN A 23 -1.00 -3.07 8.61
N ARG A 24 0.02 -3.65 8.03
CA ARG A 24 0.84 -2.90 7.04
C ARG A 24 0.04 -2.64 5.77
N TYR A 25 0.08 -1.43 5.29
CA TYR A 25 -0.64 -1.10 4.03
C TYR A 25 0.18 -0.07 3.26
N PHE A 26 -0.33 0.44 2.18
CA PHE A 26 0.47 1.43 1.41
C PHE A 26 -0.32 2.73 1.26
N LEU A 27 0.31 3.83 1.60
CA LEU A 27 -0.38 5.15 1.50
C LEU A 27 -0.24 5.73 0.09
N ASN A 28 -1.25 6.41 -0.37
CA ASN A 28 -1.18 7.03 -1.72
C ASN A 28 -1.26 8.55 -1.58
N HIS A 29 -0.15 9.22 -1.70
CA HIS A 29 -0.16 10.70 -1.54
C HIS A 29 -0.76 11.33 -2.80
N ILE A 30 -0.89 10.56 -3.85
CA ILE A 30 -1.48 11.10 -5.09
C ILE A 30 -2.99 11.14 -4.92
N ASP A 31 -3.55 10.06 -4.44
CA ASP A 31 -5.02 10.01 -4.23
C ASP A 31 -5.32 10.06 -2.74
N GLN A 32 -4.36 10.44 -1.95
CA GLN A 32 -4.57 10.53 -0.49
C GLN A 32 -5.38 9.32 0.00
N THR A 33 -5.00 8.15 -0.42
CA THR A 33 -5.75 6.94 0.01
C THR A 33 -4.76 5.92 0.58
N THR A 34 -5.23 4.75 0.83
CA THR A 34 -4.33 3.71 1.38
C THR A 34 -4.40 2.47 0.48
N THR A 35 -3.67 1.44 0.81
CA THR A 35 -3.69 0.23 -0.05
C THR A 35 -3.41 -1.02 0.77
N TRP A 36 -4.24 -2.03 0.63
CA TRP A 36 -4.00 -3.29 1.38
C TRP A 36 -2.97 -4.10 0.61
N GLN A 37 -2.85 -3.81 -0.66
CA GLN A 37 -1.87 -4.56 -1.50
C GLN A 37 -0.75 -3.62 -1.93
N ASP A 38 0.39 -4.17 -2.27
CA ASP A 38 1.52 -3.30 -2.71
C ASP A 38 1.35 -2.95 -4.19
N PRO A 39 1.69 -1.74 -4.55
CA PRO A 39 1.58 -1.28 -5.96
C PRO A 39 2.50 -2.09 -6.88
N ARG A 40 3.53 -2.67 -6.33
CA ARG A 40 4.45 -3.49 -7.16
C ARG A 40 3.77 -4.79 -7.54
N LYS A 41 2.48 -4.80 -7.52
CA LYS A 41 1.73 -6.03 -7.88
C LYS A 41 0.87 -5.77 -9.12
N ALA A 42 0.25 -6.79 -9.66
CA ALA A 42 -0.59 -6.60 -10.87
C ALA A 42 -1.79 -7.54 -10.81
N MET A 43 -2.79 -7.20 -10.03
CA MET A 43 -3.98 -8.07 -9.92
C MET A 43 -5.04 -7.39 -9.04
N GLY A 44 -4.90 -7.51 -7.74
CA GLY A 44 -5.88 -6.88 -6.82
C GLY A 44 -7.26 -7.51 -7.04
N GLY A 45 -8.05 -7.60 -6.00
CA GLY A 45 -9.39 -8.22 -6.13
C GLY A 45 -9.42 -9.56 -5.41
N GLY A 46 -10.56 -9.94 -4.88
CA GLY A 46 -10.64 -11.25 -4.17
C GLY A 46 -10.89 -11.00 -2.68
N GLY A 47 -11.91 -11.61 -2.13
CA GLY A 47 -12.21 -11.40 -0.69
C GLY A 47 -12.64 -9.96 -0.45
N ASN A 48 -12.54 -9.49 0.77
CA ASN A 48 -12.95 -8.09 1.07
C ASN A 48 -12.11 -7.56 2.24
N TYR A 49 -11.57 -8.43 3.04
CA TYR A 49 -10.74 -7.98 4.19
C TYR A 49 -11.58 -7.06 5.09
N GLN A 50 -10.94 -6.31 5.94
CA GLN A 50 -11.69 -5.41 6.86
C GLN A 50 -12.42 -4.34 6.04
N GLY A 51 -12.64 -4.62 4.79
CA GLY A 51 -13.36 -3.64 3.93
C GLY A 51 -12.33 -2.66 3.33
N PRO A 52 -12.80 -1.73 2.54
CA PRO A 52 -11.91 -0.72 1.90
C PRO A 52 -11.04 0.03 2.92
N PRO A 53 -9.82 0.29 2.57
CA PRO A 53 -8.86 1.00 3.47
C PRO A 53 -9.09 2.52 3.50
N PRO A 54 -9.40 3.05 4.65
CA PRO A 54 -9.63 4.52 4.82
C PRO A 54 -8.44 5.31 4.24
N PRO A 55 -8.42 6.61 4.40
CA PRO A 55 -7.31 7.44 3.88
C PRO A 55 -6.08 7.36 4.77
N TYR A 56 -4.93 7.27 4.18
CA TYR A 56 -3.67 7.19 4.97
C TYR A 56 -3.79 8.06 6.23
N PRO A 57 -3.01 7.75 7.23
CA PRO A 57 -3.00 8.51 8.52
C PRO A 57 -2.73 9.99 8.31
N LYS A 58 -2.94 10.79 9.32
CA LYS A 58 -2.69 12.25 9.18
C LYS A 58 -1.31 12.61 9.75
N HIS A 59 -0.40 13.01 8.92
CA HIS A 59 0.96 13.36 9.41
C HIS A 59 0.84 14.12 10.73
N SER A 1 3.65 -15.54 -11.59
CA SER A 1 3.48 -14.38 -12.51
C SER A 1 4.70 -13.47 -12.42
N PHE A 2 5.84 -14.03 -12.10
CA PHE A 2 7.07 -13.19 -11.99
C PHE A 2 6.88 -12.14 -10.89
N GLU A 3 7.76 -12.10 -9.94
CA GLU A 3 7.63 -11.09 -8.84
C GLU A 3 8.75 -10.06 -8.96
N ILE A 4 8.41 -8.81 -9.11
CA ILE A 4 9.45 -7.76 -9.22
C ILE A 4 10.19 -7.63 -7.88
N PRO A 5 11.51 -7.54 -7.93
CA PRO A 5 12.33 -7.41 -6.70
C PRO A 5 11.73 -6.45 -5.68
N ASP A 6 11.87 -6.75 -4.42
CA ASP A 6 11.30 -5.85 -3.38
C ASP A 6 12.22 -4.65 -3.17
N ASP A 7 13.25 -4.58 -3.95
CA ASP A 7 14.21 -3.45 -3.84
C ASP A 7 13.78 -2.33 -4.77
N VAL A 8 12.51 -2.18 -5.00
CA VAL A 8 12.01 -1.11 -5.91
C VAL A 8 11.04 -0.21 -5.15
N PRO A 9 11.47 0.99 -4.83
CA PRO A 9 10.62 1.97 -4.09
C PRO A 9 9.23 2.09 -4.70
N LEU A 10 8.27 2.55 -3.93
CA LEU A 10 6.89 2.71 -4.47
C LEU A 10 6.89 3.75 -5.58
N PRO A 11 5.80 3.89 -6.30
CA PRO A 11 5.68 4.89 -7.40
C PRO A 11 5.82 6.31 -6.89
N ALA A 12 5.06 7.19 -7.43
CA ALA A 12 5.15 8.61 -7.03
C ALA A 12 4.15 8.92 -5.90
N GLY A 13 4.58 9.67 -4.92
CA GLY A 13 3.68 10.05 -3.80
C GLY A 13 3.28 8.81 -2.98
N TRP A 14 4.07 7.78 -3.01
CA TRP A 14 3.70 6.56 -2.25
C TRP A 14 4.57 6.38 -1.01
N GLU A 15 4.06 5.70 -0.02
CA GLU A 15 4.86 5.48 1.22
C GLU A 15 4.24 4.33 2.03
N MET A 16 4.96 3.28 2.26
CA MET A 16 4.40 2.16 3.04
C MET A 16 4.13 2.63 4.45
N ALA A 17 3.03 2.24 5.02
CA ALA A 17 2.71 2.69 6.41
C ALA A 17 1.86 1.64 7.08
N LYS A 18 1.57 1.78 8.35
CA LYS A 18 0.73 0.77 9.03
C LYS A 18 -0.53 1.43 9.58
N THR A 19 -1.54 0.64 9.79
CA THR A 19 -2.81 1.18 10.34
C THR A 19 -2.59 1.58 11.79
N SER A 20 -3.61 2.10 12.43
CA SER A 20 -3.44 2.52 13.86
C SER A 20 -2.26 1.77 14.47
N SER A 21 -2.07 0.52 14.08
CA SER A 21 -0.93 -0.26 14.63
C SER A 21 -1.25 -1.76 14.56
N GLY A 22 -1.03 -2.37 13.42
CA GLY A 22 -1.32 -3.83 13.33
C GLY A 22 -1.30 -4.29 11.86
N GLN A 23 -1.86 -3.53 10.97
CA GLN A 23 -1.87 -3.95 9.55
C GLN A 23 -0.97 -3.03 8.71
N ARG A 24 -0.11 -3.61 7.92
CA ARG A 24 0.79 -2.78 7.07
C ARG A 24 0.07 -2.47 5.76
N TYR A 25 0.22 -1.28 5.25
CA TYR A 25 -0.46 -0.93 3.97
C TYR A 25 0.37 0.11 3.23
N PHE A 26 -0.14 0.62 2.14
CA PHE A 26 0.64 1.61 1.35
C PHE A 26 -0.13 2.94 1.28
N LEU A 27 0.52 4.01 1.62
CA LEU A 27 -0.15 5.34 1.57
C LEU A 27 0.03 5.97 0.19
N ASN A 28 -1.04 6.43 -0.40
CA ASN A 28 -0.93 7.06 -1.74
C ASN A 28 -1.07 8.58 -1.59
N HIS A 29 0.00 9.31 -1.77
CA HIS A 29 -0.08 10.79 -1.65
C HIS A 29 -0.73 11.35 -2.92
N ILE A 30 -0.87 10.52 -3.92
CA ILE A 30 -1.50 10.96 -5.19
C ILE A 30 -3.01 10.83 -5.04
N ASP A 31 -3.46 9.66 -4.70
CA ASP A 31 -4.93 9.46 -4.52
C ASP A 31 -5.30 9.82 -3.10
N GLN A 32 -4.34 10.26 -2.35
CA GLN A 32 -4.58 10.67 -0.94
C GLN A 32 -5.42 9.61 -0.22
N THR A 33 -4.86 8.45 -0.01
CA THR A 33 -5.60 7.38 0.68
C THR A 33 -4.67 6.20 0.96
N THR A 34 -5.23 5.13 1.42
CA THR A 34 -4.40 3.94 1.72
C THR A 34 -4.86 2.76 0.84
N THR A 35 -4.03 1.77 0.68
CA THR A 35 -4.43 0.62 -0.17
C THR A 35 -3.87 -0.68 0.41
N TRP A 36 -4.58 -1.75 0.23
CA TRP A 36 -4.10 -3.06 0.73
C TRP A 36 -3.32 -3.73 -0.39
N GLN A 37 -3.28 -3.09 -1.54
CA GLN A 37 -2.54 -3.69 -2.69
C GLN A 37 -1.22 -2.94 -2.90
N ASP A 38 -0.21 -3.63 -3.34
CA ASP A 38 1.10 -2.96 -3.58
C ASP A 38 1.13 -2.42 -5.01
N PRO A 39 1.74 -1.28 -5.20
CA PRO A 39 1.84 -0.65 -6.54
C PRO A 39 2.69 -1.50 -7.49
N ARG A 40 3.42 -2.44 -6.96
CA ARG A 40 4.25 -3.31 -7.81
C ARG A 40 3.42 -4.47 -8.34
N LYS A 41 2.13 -4.28 -8.44
CA LYS A 41 1.25 -5.37 -8.94
C LYS A 41 0.02 -4.76 -9.60
N ALA A 42 -0.80 -5.57 -10.22
CA ALA A 42 -2.02 -5.03 -10.89
C ALA A 42 -3.21 -5.95 -10.59
N MET A 43 -3.67 -5.98 -9.37
CA MET A 43 -4.82 -6.85 -9.03
C MET A 43 -4.45 -8.31 -9.33
N GLY A 44 -5.41 -9.19 -9.27
CA GLY A 44 -5.12 -10.62 -9.54
C GLY A 44 -4.73 -11.34 -8.25
N GLY A 45 -5.39 -12.41 -7.92
CA GLY A 45 -5.05 -13.15 -6.67
C GLY A 45 -5.42 -12.29 -5.46
N GLY A 46 -6.60 -12.45 -4.95
CA GLY A 46 -7.03 -11.65 -3.76
C GLY A 46 -8.45 -12.04 -3.36
N GLY A 47 -8.68 -12.25 -2.10
CA GLY A 47 -10.05 -12.63 -1.64
C GLY A 47 -10.87 -11.37 -1.36
N ASN A 48 -10.69 -10.77 -0.22
CA ASN A 48 -11.45 -9.54 0.11
C ASN A 48 -10.57 -8.58 0.92
N TYR A 49 -9.29 -8.87 0.98
CA TYR A 49 -8.37 -7.98 1.76
C TYR A 49 -8.89 -7.85 3.19
N GLN A 50 -8.19 -7.11 4.01
CA GLN A 50 -8.63 -6.94 5.43
C GLN A 50 -9.78 -5.94 5.48
N GLY A 51 -10.43 -5.74 4.38
CA GLY A 51 -11.57 -4.77 4.34
C GLY A 51 -11.11 -3.49 3.63
N PRO A 52 -12.05 -2.68 3.20
CA PRO A 52 -11.74 -1.42 2.49
C PRO A 52 -10.67 -0.60 3.21
N PRO A 53 -9.71 -0.09 2.47
CA PRO A 53 -8.61 0.72 3.05
C PRO A 53 -9.05 2.15 3.42
N PRO A 54 -8.96 2.48 4.68
CA PRO A 54 -9.35 3.84 5.18
C PRO A 54 -8.22 4.85 4.95
N PRO A 55 -8.55 6.03 4.49
CA PRO A 55 -7.54 7.10 4.25
C PRO A 55 -6.49 7.17 5.35
N TYR A 56 -5.25 7.19 4.99
CA TYR A 56 -4.17 7.27 6.00
C TYR A 56 -4.60 8.20 7.14
N PRO A 57 -3.93 8.14 8.25
CA PRO A 57 -4.23 8.98 9.44
C PRO A 57 -4.43 10.45 9.06
N LYS A 58 -5.10 11.21 9.90
CA LYS A 58 -5.33 12.65 9.58
C LYS A 58 -4.39 13.51 10.43
N HIS A 59 -3.33 13.99 9.84
CA HIS A 59 -2.38 14.84 10.62
C HIS A 59 -3.04 16.18 10.96
N SER A 1 4.43 -16.23 -11.76
CA SER A 1 5.60 -16.82 -11.06
C SER A 1 6.76 -15.81 -11.08
N PHE A 2 7.88 -16.19 -11.63
CA PHE A 2 9.04 -15.26 -11.67
C PHE A 2 9.44 -14.86 -10.24
N GLU A 3 10.08 -13.73 -10.09
CA GLU A 3 10.49 -13.29 -8.73
C GLU A 3 10.12 -11.82 -8.54
N ILE A 4 9.48 -11.50 -7.45
CA ILE A 4 9.08 -10.09 -7.19
C ILE A 4 10.02 -9.48 -6.15
N PRO A 5 10.96 -8.67 -6.59
CA PRO A 5 11.94 -8.01 -5.68
C PRO A 5 11.33 -6.80 -4.96
N ASP A 6 11.47 -6.75 -3.66
CA ASP A 6 10.91 -5.60 -2.89
C ASP A 6 11.82 -4.40 -3.04
N ASP A 7 12.84 -4.56 -3.82
CA ASP A 7 13.80 -3.43 -4.04
C ASP A 7 13.22 -2.46 -5.07
N VAL A 8 11.92 -2.40 -5.15
CA VAL A 8 11.28 -1.48 -6.13
C VAL A 8 10.41 -0.47 -5.39
N PRO A 9 10.93 0.71 -5.17
CA PRO A 9 10.20 1.80 -4.47
C PRO A 9 8.76 1.97 -4.99
N LEU A 10 7.84 2.27 -4.11
CA LEU A 10 6.43 2.45 -4.55
C LEU A 10 6.37 3.53 -5.65
N PRO A 11 5.33 3.52 -6.43
CA PRO A 11 5.11 4.52 -7.51
C PRO A 11 5.42 5.94 -7.05
N ALA A 12 4.71 6.88 -7.56
CA ALA A 12 4.97 8.29 -7.19
C ALA A 12 4.08 8.72 -6.01
N GLY A 13 4.65 9.42 -5.07
CA GLY A 13 3.86 9.90 -3.90
C GLY A 13 3.40 8.72 -3.04
N TRP A 14 4.06 7.60 -3.12
CA TRP A 14 3.63 6.42 -2.32
C TRP A 14 4.54 6.19 -1.13
N GLU A 15 4.04 5.54 -0.11
CA GLU A 15 4.89 5.26 1.09
C GLU A 15 4.24 4.18 1.95
N MET A 16 4.93 3.08 2.15
CA MET A 16 4.33 1.99 2.97
C MET A 16 4.12 2.50 4.40
N ALA A 17 3.01 2.19 4.98
CA ALA A 17 2.73 2.65 6.36
C ALA A 17 1.83 1.63 7.05
N LYS A 18 1.57 1.80 8.31
CA LYS A 18 0.71 0.81 9.00
C LYS A 18 -0.52 1.51 9.58
N THR A 19 -1.58 0.78 9.76
CA THR A 19 -2.82 1.36 10.33
C THR A 19 -2.58 1.69 11.81
N SER A 20 -3.56 2.23 12.48
CA SER A 20 -3.38 2.57 13.92
C SER A 20 -2.22 1.76 14.48
N SER A 21 -2.09 0.52 14.06
CA SER A 21 -0.98 -0.33 14.58
C SER A 21 -1.34 -1.81 14.44
N GLY A 22 -1.16 -2.39 13.27
CA GLY A 22 -1.49 -3.83 13.12
C GLY A 22 -1.58 -4.23 11.64
N GLN A 23 -2.14 -3.38 10.81
CA GLN A 23 -2.25 -3.75 9.38
C GLN A 23 -1.32 -2.88 8.53
N ARG A 24 -0.43 -3.50 7.80
CA ARG A 24 0.50 -2.71 6.94
C ARG A 24 -0.23 -2.34 5.65
N TYR A 25 -0.07 -1.12 5.20
CA TYR A 25 -0.75 -0.72 3.94
C TYR A 25 0.13 0.29 3.19
N PHE A 26 -0.37 0.83 2.11
CA PHE A 26 0.44 1.80 1.34
C PHE A 26 -0.22 3.17 1.32
N LEU A 27 0.50 4.19 1.69
CA LEU A 27 -0.08 5.56 1.70
C LEU A 27 0.06 6.18 0.31
N ASN A 28 -1.04 6.61 -0.26
CA ASN A 28 -0.97 7.23 -1.62
C ASN A 28 -0.99 8.76 -1.46
N HIS A 29 0.10 9.41 -1.72
CA HIS A 29 0.13 10.89 -1.60
C HIS A 29 -0.54 11.49 -2.84
N ILE A 30 -0.77 10.67 -3.84
CA ILE A 30 -1.43 11.17 -5.07
C ILE A 30 -2.93 11.12 -4.85
N ASP A 31 -3.43 9.99 -4.44
CA ASP A 31 -4.89 9.86 -4.20
C ASP A 31 -5.17 10.22 -2.75
N GLN A 32 -4.16 10.60 -2.05
CA GLN A 32 -4.32 11.00 -0.63
C GLN A 32 -5.18 9.97 0.11
N THR A 33 -4.67 8.80 0.33
CA THR A 33 -5.46 7.76 1.04
C THR A 33 -4.59 6.53 1.28
N THR A 34 -5.21 5.49 1.72
CA THR A 34 -4.45 4.23 1.98
C THR A 34 -5.06 3.10 1.14
N THR A 35 -4.26 2.14 0.76
CA THR A 35 -4.79 1.03 -0.06
C THR A 35 -4.09 -0.29 0.30
N TRP A 36 -4.81 -1.37 0.21
CA TRP A 36 -4.20 -2.69 0.49
C TRP A 36 -3.55 -3.20 -0.78
N GLN A 37 -3.73 -2.49 -1.87
CA GLN A 37 -3.16 -2.92 -3.16
C GLN A 37 -1.67 -2.56 -3.21
N ASP A 38 -0.88 -3.38 -3.84
CA ASP A 38 0.58 -3.09 -3.93
C ASP A 38 0.96 -2.94 -5.41
N PRO A 39 1.44 -1.79 -5.81
CA PRO A 39 1.84 -1.55 -7.22
C PRO A 39 2.96 -2.51 -7.64
N ARG A 40 3.44 -3.29 -6.70
CA ARG A 40 4.52 -4.25 -7.03
C ARG A 40 3.90 -5.57 -7.48
N LYS A 41 2.70 -5.51 -8.00
CA LYS A 41 2.02 -6.75 -8.46
C LYS A 41 1.14 -6.43 -9.67
N ALA A 42 1.13 -7.27 -10.66
CA ALA A 42 0.29 -7.02 -11.85
C ALA A 42 -0.95 -7.91 -11.81
N MET A 43 -1.82 -7.79 -12.79
CA MET A 43 -3.04 -8.63 -12.80
C MET A 43 -3.74 -8.55 -11.44
N GLY A 44 -3.44 -9.48 -10.56
CA GLY A 44 -4.08 -9.46 -9.21
C GLY A 44 -5.53 -9.94 -9.33
N GLY A 45 -6.37 -9.54 -8.41
CA GLY A 45 -7.79 -9.98 -8.47
C GLY A 45 -8.08 -10.96 -7.33
N GLY A 46 -7.99 -12.24 -7.61
CA GLY A 46 -8.25 -13.24 -6.54
C GLY A 46 -7.33 -12.99 -5.36
N GLY A 47 -7.86 -12.97 -4.16
CA GLY A 47 -7.00 -12.72 -2.97
C GLY A 47 -7.90 -12.45 -1.75
N ASN A 48 -7.57 -11.45 -0.98
CA ASN A 48 -8.39 -11.14 0.22
C ASN A 48 -8.00 -9.77 0.77
N TYR A 49 -8.94 -9.03 1.29
CA TYR A 49 -8.62 -7.68 1.85
C TYR A 49 -9.18 -7.57 3.26
N GLN A 50 -8.44 -6.97 4.16
CA GLN A 50 -8.93 -6.83 5.55
C GLN A 50 -10.08 -5.83 5.59
N GLY A 51 -10.70 -5.62 4.46
CA GLY A 51 -11.84 -4.66 4.40
C GLY A 51 -11.39 -3.40 3.66
N PRO A 52 -12.23 -2.40 3.63
CA PRO A 52 -11.93 -1.12 2.94
C PRO A 52 -10.82 -0.33 3.65
N PRO A 53 -9.83 0.10 2.92
CA PRO A 53 -8.69 0.88 3.49
C PRO A 53 -9.06 2.33 3.79
N PRO A 54 -8.97 2.72 5.04
CA PRO A 54 -9.29 4.11 5.48
C PRO A 54 -8.11 5.05 5.24
N PRO A 55 -8.34 6.16 4.59
CA PRO A 55 -7.28 7.15 4.29
C PRO A 55 -6.32 7.35 5.47
N TYR A 56 -5.05 7.31 5.20
CA TYR A 56 -4.05 7.50 6.29
C TYR A 56 -4.59 8.50 7.31
N PRO A 57 -4.05 8.48 8.49
CA PRO A 57 -4.46 9.41 9.59
C PRO A 57 -4.53 10.86 9.12
N LYS A 58 -5.44 11.63 9.65
CA LYS A 58 -5.55 13.05 9.23
C LYS A 58 -4.77 13.93 10.21
N HIS A 59 -3.60 14.36 9.83
CA HIS A 59 -2.79 15.22 10.74
C HIS A 59 -3.40 16.63 10.79
N SER A 1 16.95 -8.32 -18.44
CA SER A 1 16.69 -6.91 -18.04
C SER A 1 16.97 -6.74 -16.54
N PHE A 2 18.04 -7.31 -16.07
CA PHE A 2 18.37 -7.19 -14.62
C PHE A 2 17.18 -7.67 -13.79
N GLU A 3 17.33 -8.81 -13.15
CA GLU A 3 16.20 -9.33 -12.32
C GLU A 3 15.69 -8.23 -11.40
N ILE A 4 14.39 -8.06 -11.35
CA ILE A 4 13.83 -6.99 -10.47
C ILE A 4 14.36 -7.18 -9.04
N PRO A 5 15.08 -6.22 -8.54
CA PRO A 5 15.67 -6.26 -7.17
C PRO A 5 14.61 -5.96 -6.09
N ASP A 6 14.69 -6.64 -4.97
CA ASP A 6 13.71 -6.39 -3.89
C ASP A 6 13.84 -4.95 -3.41
N ASP A 7 14.70 -4.22 -4.03
CA ASP A 7 14.91 -2.80 -3.64
C ASP A 7 14.05 -1.89 -4.52
N VAL A 8 12.90 -2.36 -4.92
CA VAL A 8 12.01 -1.53 -5.78
C VAL A 8 11.02 -0.77 -4.90
N PRO A 9 11.17 0.53 -4.80
CA PRO A 9 10.28 1.39 -3.96
C PRO A 9 8.89 1.54 -4.59
N LEU A 10 7.96 2.08 -3.85
CA LEU A 10 6.59 2.26 -4.39
C LEU A 10 6.63 3.25 -5.56
N PRO A 11 5.55 3.38 -6.29
CA PRO A 11 5.47 4.32 -7.44
C PRO A 11 5.67 5.76 -7.00
N ALA A 12 4.96 6.66 -7.60
CA ALA A 12 5.11 8.08 -7.26
C ALA A 12 4.11 8.50 -6.17
N GLY A 13 4.57 9.27 -5.22
CA GLY A 13 3.68 9.74 -4.12
C GLY A 13 3.21 8.57 -3.26
N TRP A 14 3.95 7.50 -3.22
CA TRP A 14 3.53 6.33 -2.41
C TRP A 14 4.37 6.20 -1.14
N GLU A 15 3.83 5.54 -0.14
CA GLU A 15 4.60 5.36 1.13
C GLU A 15 3.94 4.25 1.95
N MET A 16 4.64 3.17 2.19
CA MET A 16 4.04 2.08 2.98
C MET A 16 3.83 2.54 4.42
N ALA A 17 2.73 2.17 5.02
CA ALA A 17 2.50 2.59 6.43
C ALA A 17 1.77 1.47 7.15
N LYS A 18 2.14 1.18 8.36
CA LYS A 18 1.45 0.10 9.08
C LYS A 18 0.55 0.68 10.16
N THR A 19 -0.42 -0.09 10.54
CA THR A 19 -1.37 0.35 11.58
C THR A 19 -0.62 0.53 12.90
N SER A 20 -1.31 0.96 13.93
CA SER A 20 -0.62 1.15 15.24
C SER A 20 0.48 0.12 15.38
N SER A 21 0.33 -1.01 14.73
CA SER A 21 1.37 -2.07 14.83
C SER A 21 0.73 -3.44 14.60
N GLY A 22 0.42 -3.79 13.39
CA GLY A 22 -0.21 -5.11 13.13
C GLY A 22 -0.66 -5.21 11.68
N GLN A 23 -1.26 -4.18 11.15
CA GLN A 23 -1.71 -4.25 9.73
C GLN A 23 -0.84 -3.34 8.87
N ARG A 24 -0.13 -3.90 7.93
CA ARG A 24 0.74 -3.06 7.05
C ARG A 24 -0.06 -2.65 5.81
N TYR A 25 0.02 -1.40 5.42
CA TYR A 25 -0.74 -1.00 4.20
C TYR A 25 0.09 0.01 3.40
N PHE A 26 -0.45 0.52 2.33
CA PHE A 26 0.32 1.47 1.49
C PHE A 26 -0.42 2.80 1.37
N LEU A 27 0.28 3.89 1.58
CA LEU A 27 -0.38 5.22 1.46
C LEU A 27 -0.20 5.77 0.06
N ASN A 28 -1.21 6.37 -0.50
CA ASN A 28 -1.10 6.92 -1.87
C ASN A 28 -1.23 8.44 -1.82
N HIS A 29 -0.17 9.15 -2.10
CA HIS A 29 -0.23 10.63 -2.09
C HIS A 29 -0.93 11.09 -3.37
N ILE A 30 -1.08 10.20 -4.30
CA ILE A 30 -1.77 10.54 -5.58
C ILE A 30 -3.27 10.39 -5.35
N ASP A 31 -3.67 9.23 -4.89
CA ASP A 31 -5.10 9.00 -4.62
C ASP A 31 -5.43 9.54 -3.24
N GLN A 32 -4.46 10.13 -2.62
CA GLN A 32 -4.65 10.72 -1.27
C GLN A 32 -5.44 9.76 -0.39
N THR A 33 -5.02 8.53 -0.29
CA THR A 33 -5.75 7.57 0.56
C THR A 33 -4.86 6.37 0.86
N THR A 34 -5.42 5.38 1.47
CA THR A 34 -4.63 4.18 1.80
C THR A 34 -5.18 2.97 1.02
N THR A 35 -4.39 1.94 0.89
CA THR A 35 -4.86 0.75 0.13
C THR A 35 -4.37 -0.52 0.80
N TRP A 36 -5.14 -1.56 0.70
CA TRP A 36 -4.71 -2.86 1.29
C TRP A 36 -3.95 -3.63 0.22
N GLN A 37 -3.91 -3.08 -0.97
CA GLN A 37 -3.19 -3.75 -2.08
C GLN A 37 -1.89 -3.01 -2.37
N ASP A 38 -0.90 -3.70 -2.85
CA ASP A 38 0.39 -3.04 -3.15
C ASP A 38 0.43 -2.63 -4.63
N PRO A 39 0.91 -1.45 -4.91
CA PRO A 39 0.99 -0.94 -6.31
C PRO A 39 1.97 -1.78 -7.14
N ARG A 40 2.66 -2.69 -6.50
CA ARG A 40 3.64 -3.54 -7.24
C ARG A 40 2.95 -4.85 -7.63
N LYS A 41 1.66 -4.83 -7.78
CA LYS A 41 0.93 -6.07 -8.16
C LYS A 41 0.86 -6.18 -9.68
N ALA A 42 0.99 -7.36 -10.21
CA ALA A 42 0.94 -7.54 -11.68
C ALA A 42 -0.22 -8.46 -12.05
N MET A 43 -1.18 -7.98 -12.79
CA MET A 43 -2.34 -8.84 -13.17
C MET A 43 -3.00 -9.39 -11.90
N GLY A 44 -4.07 -8.78 -11.48
CA GLY A 44 -4.76 -9.27 -10.25
C GLY A 44 -5.56 -10.53 -10.57
N GLY A 45 -6.56 -10.84 -9.80
CA GLY A 45 -7.38 -12.05 -10.06
C GLY A 45 -7.84 -12.67 -8.75
N GLY A 46 -8.56 -11.92 -7.95
CA GLY A 46 -9.04 -12.46 -6.65
C GLY A 46 -8.30 -11.77 -5.51
N GLY A 47 -8.30 -12.36 -4.34
CA GLY A 47 -7.59 -11.74 -3.20
C GLY A 47 -8.55 -10.83 -2.43
N ASN A 48 -8.74 -11.06 -1.16
CA ASN A 48 -9.66 -10.22 -0.37
C ASN A 48 -8.85 -9.25 0.50
N TYR A 49 -9.50 -8.33 1.16
CA TYR A 49 -8.77 -7.36 2.01
C TYR A 49 -9.32 -7.41 3.44
N GLN A 50 -8.88 -6.53 4.29
CA GLN A 50 -9.38 -6.54 5.70
C GLN A 50 -10.45 -5.47 5.85
N GLY A 51 -11.05 -5.08 4.77
CA GLY A 51 -12.12 -4.04 4.84
C GLY A 51 -11.68 -2.80 4.05
N PRO A 52 -12.41 -1.73 4.17
CA PRO A 52 -12.10 -0.46 3.46
C PRO A 52 -10.90 0.27 4.08
N PRO A 53 -9.95 0.65 3.27
CA PRO A 53 -8.74 1.38 3.73
C PRO A 53 -9.01 2.85 4.07
N PRO A 54 -8.80 3.24 5.30
CA PRO A 54 -9.02 4.64 5.75
C PRO A 54 -7.89 5.56 5.33
N PRO A 55 -8.20 6.74 4.87
CA PRO A 55 -7.17 7.72 4.41
C PRO A 55 -5.95 7.75 5.32
N TYR A 56 -4.78 7.70 4.74
CA TYR A 56 -3.53 7.73 5.54
C TYR A 56 -3.70 8.64 6.76
N PRO A 57 -2.82 8.52 7.72
CA PRO A 57 -2.84 9.35 8.95
C PRO A 57 -3.02 10.84 8.65
N LYS A 58 -3.29 11.64 9.65
CA LYS A 58 -3.48 13.10 9.41
C LYS A 58 -2.20 13.84 9.82
N HIS A 59 -1.37 14.18 8.87
CA HIS A 59 -0.11 14.90 9.20
C HIS A 59 -0.44 16.08 10.12
N SER A 1 19.90 -15.82 -7.20
CA SER A 1 21.28 -15.29 -7.29
C SER A 1 21.30 -13.82 -6.84
N PHE A 2 20.15 -13.23 -6.71
CA PHE A 2 20.09 -11.80 -6.27
C PHE A 2 19.03 -11.64 -5.18
N GLU A 3 18.89 -10.46 -4.65
CA GLU A 3 17.88 -10.24 -3.58
C GLU A 3 17.02 -9.02 -3.94
N ILE A 4 15.79 -9.01 -3.51
CA ILE A 4 14.89 -7.86 -3.83
C ILE A 4 15.70 -6.57 -3.79
N PRO A 5 16.08 -6.07 -4.95
CA PRO A 5 16.87 -4.81 -5.05
C PRO A 5 16.26 -3.67 -4.23
N ASP A 6 17.04 -3.06 -3.37
CA ASP A 6 16.50 -1.94 -2.54
C ASP A 6 16.28 -0.73 -3.43
N ASP A 7 16.51 -0.89 -4.69
CA ASP A 7 16.32 0.25 -5.64
C ASP A 7 14.96 0.12 -6.32
N VAL A 8 13.98 -0.38 -5.62
CA VAL A 8 12.63 -0.53 -6.22
C VAL A 8 11.57 -0.02 -5.25
N PRO A 9 11.61 1.25 -4.95
CA PRO A 9 10.65 1.89 -4.01
C PRO A 9 9.25 2.01 -4.63
N LEU A 10 8.27 2.36 -3.83
CA LEU A 10 6.89 2.49 -4.37
C LEU A 10 6.88 3.55 -5.47
N PRO A 11 5.86 3.56 -6.30
CA PRO A 11 5.73 4.56 -7.39
C PRO A 11 5.87 5.98 -6.88
N ALA A 12 5.13 6.87 -7.44
CA ALA A 12 5.22 8.29 -7.02
C ALA A 12 4.21 8.62 -5.92
N GLY A 13 4.61 9.38 -4.94
CA GLY A 13 3.68 9.77 -3.84
C GLY A 13 3.26 8.55 -3.02
N TRP A 14 4.04 7.52 -3.02
CA TRP A 14 3.67 6.30 -2.24
C TRP A 14 4.52 6.14 -0.99
N GLU A 15 3.99 5.47 0.01
CA GLU A 15 4.77 5.26 1.26
C GLU A 15 4.12 4.14 2.07
N MET A 16 4.84 3.08 2.34
CA MET A 16 4.23 1.97 3.12
C MET A 16 3.98 2.46 4.55
N ALA A 17 2.86 2.12 5.10
CA ALA A 17 2.55 2.57 6.49
C ALA A 17 1.63 1.57 7.17
N LYS A 18 1.58 1.57 8.46
CA LYS A 18 0.68 0.60 9.16
C LYS A 18 -0.58 1.29 9.63
N THR A 19 -1.61 0.53 9.80
CA THR A 19 -2.89 1.06 10.27
C THR A 19 -2.83 1.24 11.79
N SER A 20 -3.74 1.99 12.35
CA SER A 20 -3.73 2.17 13.83
C SER A 20 -4.04 0.84 14.48
N SER A 21 -3.63 -0.25 13.88
CA SER A 21 -3.92 -1.58 14.47
C SER A 21 -2.74 -2.53 14.25
N GLY A 22 -1.88 -2.24 13.31
CA GLY A 22 -0.71 -3.15 13.07
C GLY A 22 -0.79 -3.76 11.68
N GLN A 23 -1.75 -3.37 10.89
CA GLN A 23 -1.85 -3.94 9.51
C GLN A 23 -1.01 -3.08 8.56
N ARG A 24 -0.01 -3.66 7.95
CA ARG A 24 0.85 -2.87 7.03
C ARG A 24 0.08 -2.58 5.74
N TYR A 25 0.11 -1.36 5.29
CA TYR A 25 -0.59 -1.02 4.03
C TYR A 25 0.23 0.02 3.27
N PHE A 26 -0.27 0.54 2.20
CA PHE A 26 0.52 1.53 1.41
C PHE A 26 -0.23 2.84 1.27
N LEU A 27 0.41 3.92 1.61
CA LEU A 27 -0.25 5.25 1.52
C LEU A 27 -0.05 5.83 0.11
N ASN A 28 -1.10 6.33 -0.49
CA ASN A 28 -0.96 6.91 -1.85
C ASN A 28 -1.10 8.43 -1.75
N HIS A 29 -0.01 9.14 -1.86
CA HIS A 29 -0.08 10.62 -1.79
C HIS A 29 -0.73 11.13 -3.08
N ILE A 30 -0.83 10.27 -4.05
CA ILE A 30 -1.45 10.65 -5.34
C ILE A 30 -2.96 10.48 -5.20
N ASP A 31 -3.38 9.31 -4.83
CA ASP A 31 -4.84 9.06 -4.66
C ASP A 31 -5.25 9.51 -3.26
N GLN A 32 -4.33 10.09 -2.57
CA GLN A 32 -4.60 10.58 -1.19
C GLN A 32 -5.43 9.56 -0.42
N THR A 33 -4.92 8.38 -0.25
CA THR A 33 -5.67 7.34 0.50
C THR A 33 -4.75 6.17 0.82
N THR A 34 -5.32 5.12 1.32
CA THR A 34 -4.50 3.92 1.65
C THR A 34 -4.99 2.72 0.83
N THR A 35 -4.17 1.73 0.66
CA THR A 35 -4.58 0.54 -0.13
C THR A 35 -4.01 -0.72 0.49
N TRP A 36 -4.73 -1.80 0.37
CA TRP A 36 -4.25 -3.09 0.92
C TRP A 36 -3.38 -3.73 -0.16
N GLN A 37 -3.40 -3.17 -1.33
CA GLN A 37 -2.59 -3.74 -2.44
C GLN A 37 -1.42 -2.81 -2.76
N ASP A 38 -0.29 -3.37 -3.11
CA ASP A 38 0.89 -2.52 -3.43
C ASP A 38 1.19 -2.62 -4.93
N PRO A 39 1.42 -1.50 -5.57
CA PRO A 39 1.73 -1.48 -7.03
C PRO A 39 3.01 -2.28 -7.32
N ARG A 40 3.59 -2.85 -6.30
CA ARG A 40 4.83 -3.64 -6.49
C ARG A 40 4.50 -5.12 -6.44
N LYS A 41 3.28 -5.47 -6.71
CA LYS A 41 2.86 -6.90 -6.67
C LYS A 41 1.63 -7.10 -7.57
N ALA A 42 1.46 -8.28 -8.09
CA ALA A 42 0.28 -8.53 -8.97
C ALA A 42 -0.99 -8.07 -8.25
N MET A 43 -2.11 -8.06 -8.94
CA MET A 43 -3.37 -7.62 -8.31
C MET A 43 -4.09 -8.83 -7.69
N GLY A 44 -4.77 -8.63 -6.60
CA GLY A 44 -5.49 -9.77 -5.95
C GLY A 44 -6.95 -9.75 -6.37
N GLY A 45 -7.82 -9.35 -5.49
CA GLY A 45 -9.27 -9.32 -5.84
C GLY A 45 -9.95 -10.58 -5.34
N GLY A 46 -11.17 -10.48 -4.88
CA GLY A 46 -11.89 -11.68 -4.37
C GLY A 46 -12.06 -11.58 -2.86
N GLY A 47 -11.49 -12.51 -2.13
CA GLY A 47 -11.62 -12.47 -0.64
C GLY A 47 -11.41 -11.03 -0.15
N ASN A 48 -12.44 -10.42 0.36
CA ASN A 48 -12.30 -9.03 0.86
C ASN A 48 -11.16 -8.94 1.87
N TYR A 49 -10.18 -8.13 1.61
CA TYR A 49 -9.03 -8.02 2.56
C TYR A 49 -9.57 -7.72 3.97
N GLN A 50 -8.75 -7.14 4.82
CA GLN A 50 -9.21 -6.81 6.20
C GLN A 50 -10.32 -5.77 6.13
N GLY A 51 -10.96 -5.66 5.01
CA GLY A 51 -12.05 -4.66 4.86
C GLY A 51 -11.56 -3.49 4.01
N PRO A 52 -12.36 -2.46 3.89
CA PRO A 52 -12.00 -1.26 3.09
C PRO A 52 -10.91 -0.42 3.78
N PRO A 53 -9.89 -0.06 3.04
CA PRO A 53 -8.76 0.75 3.58
C PRO A 53 -9.14 2.22 3.78
N PRO A 54 -9.08 2.68 4.99
CA PRO A 54 -9.41 4.10 5.33
C PRO A 54 -8.26 5.05 5.01
N PRO A 55 -8.56 6.22 4.50
CA PRO A 55 -7.53 7.22 4.15
C PRO A 55 -6.44 7.32 5.21
N TYR A 56 -5.21 7.29 4.81
CA TYR A 56 -4.08 7.38 5.78
C TYR A 56 -4.46 8.34 6.90
N PRO A 57 -3.76 8.28 8.00
CA PRO A 57 -4.01 9.15 9.18
C PRO A 57 -4.18 10.63 8.79
N LYS A 58 -5.07 11.32 9.45
CA LYS A 58 -5.28 12.76 9.11
C LYS A 58 -3.93 13.46 8.96
N HIS A 59 -3.59 13.83 7.76
CA HIS A 59 -2.29 14.52 7.53
C HIS A 59 -1.16 13.66 8.11
N SER A 1 15.60 -18.86 -5.02
CA SER A 1 15.36 -17.58 -5.74
C SER A 1 15.56 -16.41 -4.77
N PHE A 2 15.22 -15.22 -5.19
CA PHE A 2 15.39 -14.04 -4.30
C PHE A 2 14.09 -13.26 -4.23
N GLU A 3 13.78 -12.69 -3.09
CA GLU A 3 12.51 -11.91 -2.96
C GLU A 3 12.80 -10.43 -3.17
N ILE A 4 12.09 -9.81 -4.07
CA ILE A 4 12.32 -8.36 -4.33
C ILE A 4 12.65 -7.65 -3.01
N PRO A 5 13.90 -7.40 -2.77
CA PRO A 5 14.36 -6.71 -1.53
C PRO A 5 13.58 -5.42 -1.25
N ASP A 6 13.46 -5.05 -0.01
CA ASP A 6 12.70 -3.81 0.33
C ASP A 6 13.35 -2.62 -0.36
N ASP A 7 14.36 -2.89 -1.13
CA ASP A 7 15.07 -1.78 -1.85
C ASP A 7 14.29 -1.42 -3.11
N VAL A 8 13.00 -1.62 -3.09
CA VAL A 8 12.17 -1.30 -4.27
C VAL A 8 11.20 -0.16 -3.93
N PRO A 9 11.63 1.05 -4.10
CA PRO A 9 10.80 2.26 -3.80
C PRO A 9 9.43 2.21 -4.47
N LEU A 10 8.40 2.53 -3.74
CA LEU A 10 7.03 2.50 -4.33
C LEU A 10 6.99 3.48 -5.52
N PRO A 11 5.91 3.48 -6.27
CA PRO A 11 5.76 4.38 -7.43
C PRO A 11 5.84 5.84 -7.03
N ALA A 12 5.07 6.67 -7.65
CA ALA A 12 5.12 8.12 -7.33
C ALA A 12 4.09 8.48 -6.24
N GLY A 13 4.49 9.27 -5.28
CA GLY A 13 3.56 9.69 -4.20
C GLY A 13 3.17 8.51 -3.33
N TRP A 14 3.97 7.48 -3.27
CA TRP A 14 3.62 6.30 -2.45
C TRP A 14 4.46 6.22 -1.18
N GLU A 15 3.96 5.55 -0.18
CA GLU A 15 4.72 5.42 1.09
C GLU A 15 4.13 4.28 1.91
N MET A 16 4.87 3.22 2.12
CA MET A 16 4.34 2.10 2.90
C MET A 16 4.10 2.57 4.34
N ALA A 17 3.02 2.16 4.93
CA ALA A 17 2.73 2.60 6.32
C ALA A 17 1.90 1.54 7.02
N LYS A 18 1.65 1.69 8.29
CA LYS A 18 0.84 0.67 9.00
C LYS A 18 -0.37 1.33 9.65
N THR A 19 -1.40 0.57 9.87
CA THR A 19 -2.62 1.12 10.51
C THR A 19 -2.30 1.48 11.95
N SER A 20 -3.25 2.00 12.69
CA SER A 20 -2.99 2.37 14.10
C SER A 20 -1.76 1.59 14.61
N SER A 21 -1.61 0.36 14.19
CA SER A 21 -0.42 -0.43 14.63
C SER A 21 -0.76 -1.93 14.56
N GLY A 22 -0.68 -2.52 13.39
CA GLY A 22 -0.98 -3.97 13.29
C GLY A 22 -1.09 -4.40 11.83
N GLN A 23 -1.70 -3.60 11.00
CA GLN A 23 -1.84 -3.99 9.57
C GLN A 23 -0.97 -3.10 8.68
N ARG A 24 -0.06 -3.69 7.95
CA ARG A 24 0.80 -2.88 7.05
C ARG A 24 0.02 -2.54 5.78
N TYR A 25 0.17 -1.36 5.27
CA TYR A 25 -0.56 -1.01 4.02
C TYR A 25 0.27 0.00 3.24
N PHE A 26 -0.26 0.51 2.16
CA PHE A 26 0.52 1.47 1.35
C PHE A 26 -0.22 2.80 1.23
N LEU A 27 0.45 3.87 1.53
CA LEU A 27 -0.21 5.21 1.45
C LEU A 27 0.00 5.80 0.05
N ASN A 28 -1.06 6.24 -0.58
CA ASN A 28 -0.92 6.83 -1.93
C ASN A 28 -1.08 8.35 -1.85
N HIS A 29 -0.04 9.07 -2.11
CA HIS A 29 -0.14 10.56 -2.05
C HIS A 29 -0.83 11.04 -3.32
N ILE A 30 -0.97 10.17 -4.29
CA ILE A 30 -1.64 10.54 -5.55
C ILE A 30 -3.14 10.38 -5.36
N ASP A 31 -3.56 9.21 -4.96
CA ASP A 31 -5.01 8.97 -4.73
C ASP A 31 -5.36 9.45 -3.33
N GLN A 32 -4.39 9.98 -2.66
CA GLN A 32 -4.62 10.50 -1.28
C GLN A 32 -5.42 9.49 -0.46
N THR A 33 -4.91 8.30 -0.30
CA THR A 33 -5.63 7.28 0.49
C THR A 33 -4.71 6.11 0.79
N THR A 34 -5.28 5.08 1.32
CA THR A 34 -4.46 3.87 1.65
C THR A 34 -4.94 2.69 0.83
N THR A 35 -4.14 1.67 0.70
CA THR A 35 -4.54 0.49 -0.08
C THR A 35 -4.02 -0.79 0.56
N TRP A 36 -4.75 -1.86 0.40
CA TRP A 36 -4.31 -3.16 0.97
C TRP A 36 -3.49 -3.86 -0.09
N GLN A 37 -3.44 -3.29 -1.27
CA GLN A 37 -2.67 -3.92 -2.37
C GLN A 37 -1.36 -3.17 -2.58
N ASP A 38 -0.33 -3.86 -3.02
CA ASP A 38 0.98 -3.19 -3.24
C ASP A 38 1.07 -2.71 -4.69
N PRO A 39 1.78 -1.64 -4.91
CA PRO A 39 1.97 -1.08 -6.26
C PRO A 39 2.82 -2.00 -7.14
N ARG A 40 3.53 -2.91 -6.53
CA ARG A 40 4.38 -3.84 -7.31
C ARG A 40 3.51 -4.97 -7.87
N LYS A 41 2.24 -4.71 -8.02
CA LYS A 41 1.32 -5.75 -8.56
C LYS A 41 0.52 -5.18 -9.73
N ALA A 42 0.32 -5.94 -10.77
CA ALA A 42 -0.44 -5.44 -11.94
C ALA A 42 -1.95 -5.49 -11.64
N MET A 43 -2.63 -4.40 -11.81
CA MET A 43 -4.09 -4.38 -11.53
C MET A 43 -4.36 -4.94 -10.12
N GLY A 44 -5.58 -4.86 -9.67
CA GLY A 44 -5.89 -5.38 -8.32
C GLY A 44 -7.38 -5.72 -8.24
N GLY A 45 -7.71 -6.85 -7.67
CA GLY A 45 -9.15 -7.24 -7.57
C GLY A 45 -9.72 -6.75 -6.24
N GLY A 46 -9.89 -7.63 -5.29
CA GLY A 46 -10.45 -7.21 -3.97
C GLY A 46 -11.76 -7.95 -3.71
N GLY A 47 -11.69 -9.06 -3.03
CA GLY A 47 -12.94 -9.83 -2.74
C GLY A 47 -13.09 -10.01 -1.22
N ASN A 48 -13.85 -9.16 -0.59
CA ASN A 48 -14.04 -9.29 0.89
C ASN A 48 -12.69 -9.17 1.58
N TYR A 49 -12.31 -7.97 1.95
CA TYR A 49 -11.00 -7.78 2.64
C TYR A 49 -11.24 -7.38 4.09
N GLN A 50 -10.21 -7.04 4.80
CA GLN A 50 -10.38 -6.63 6.23
C GLN A 50 -11.16 -5.32 6.29
N GLY A 51 -11.87 -5.02 5.24
CA GLY A 51 -12.67 -3.75 5.21
C GLY A 51 -11.92 -2.72 4.37
N PRO A 52 -12.64 -1.95 3.60
CA PRO A 52 -12.03 -0.91 2.73
C PRO A 52 -10.90 -0.15 3.43
N PRO A 53 -9.89 0.22 2.70
CA PRO A 53 -8.72 0.96 3.26
C PRO A 53 -9.06 2.41 3.61
N PRO A 54 -8.94 2.76 4.86
CA PRO A 54 -9.23 4.13 5.35
C PRO A 54 -8.09 5.10 5.03
N PRO A 55 -8.41 6.28 4.56
CA PRO A 55 -7.39 7.30 4.21
C PRO A 55 -6.25 7.36 5.23
N TYR A 56 -5.03 7.33 4.76
CA TYR A 56 -3.87 7.39 5.69
C TYR A 56 -4.18 8.35 6.85
N PRO A 57 -3.42 8.28 7.90
CA PRO A 57 -3.59 9.15 9.09
C PRO A 57 -3.76 10.63 8.70
N LYS A 58 -4.22 11.44 9.61
CA LYS A 58 -4.40 12.88 9.29
C LYS A 58 -3.24 13.69 9.88
N HIS A 59 -2.34 14.15 9.06
CA HIS A 59 -1.19 14.93 9.58
C HIS A 59 -0.95 16.15 8.68
N SER A 1 9.47 -17.37 -7.61
CA SER A 1 9.73 -16.34 -8.66
C SER A 1 11.15 -15.79 -8.48
N PHE A 2 11.28 -14.50 -8.34
CA PHE A 2 12.63 -13.91 -8.17
C PHE A 2 12.71 -13.19 -6.81
N GLU A 3 13.59 -12.24 -6.67
CA GLU A 3 13.71 -11.51 -5.38
C GLU A 3 13.42 -10.02 -5.61
N ILE A 4 12.37 -9.52 -5.04
CA ILE A 4 12.03 -8.08 -5.22
C ILE A 4 13.19 -7.22 -4.69
N PRO A 5 13.86 -6.52 -5.57
CA PRO A 5 15.01 -5.64 -5.19
C PRO A 5 14.70 -4.77 -3.97
N ASP A 6 15.58 -4.77 -3.00
CA ASP A 6 15.33 -3.94 -1.78
C ASP A 6 15.46 -2.47 -2.13
N ASP A 7 15.67 -2.20 -3.38
CA ASP A 7 15.82 -0.78 -3.83
C ASP A 7 14.65 -0.43 -4.76
N VAL A 8 13.49 -0.96 -4.49
CA VAL A 8 12.32 -0.65 -5.35
C VAL A 8 11.34 0.24 -4.58
N PRO A 9 11.47 1.53 -4.73
CA PRO A 9 10.58 2.51 -4.04
C PRO A 9 9.19 2.57 -4.66
N LEU A 10 8.19 2.89 -3.87
CA LEU A 10 6.81 2.97 -4.41
C LEU A 10 6.75 4.06 -5.49
N PRO A 11 5.66 4.16 -6.21
CA PRO A 11 5.50 5.19 -7.26
C PRO A 11 5.62 6.60 -6.70
N ALA A 12 4.85 7.49 -7.21
CA ALA A 12 4.92 8.90 -6.73
C ALA A 12 3.93 9.15 -5.59
N GLY A 13 4.35 9.85 -4.57
CA GLY A 13 3.44 10.17 -3.43
C GLY A 13 3.04 8.90 -2.69
N TRP A 14 3.83 7.86 -2.76
CA TRP A 14 3.47 6.60 -2.05
C TRP A 14 4.33 6.39 -0.82
N GLU A 15 3.82 5.66 0.14
CA GLU A 15 4.64 5.41 1.37
C GLU A 15 4.06 4.23 2.15
N MET A 16 4.81 3.18 2.33
CA MET A 16 4.30 2.02 3.10
C MET A 16 4.04 2.45 4.53
N ALA A 17 2.93 2.06 5.08
CA ALA A 17 2.62 2.45 6.48
C ALA A 17 1.79 1.36 7.14
N LYS A 18 1.52 1.46 8.41
CA LYS A 18 0.70 0.42 9.08
C LYS A 18 -0.61 1.01 9.56
N THR A 19 -1.58 0.17 9.68
CA THR A 19 -2.91 0.60 10.14
C THR A 19 -2.87 0.81 11.66
N SER A 20 -3.79 1.54 12.20
CA SER A 20 -3.77 1.75 13.68
C SER A 20 -4.05 0.40 14.36
N SER A 21 -3.61 -0.67 13.76
CA SER A 21 -3.87 -2.01 14.37
C SER A 21 -2.65 -2.92 14.19
N GLY A 22 -1.77 -2.60 13.27
CA GLY A 22 -0.57 -3.47 13.08
C GLY A 22 -0.56 -4.08 11.68
N GLN A 23 -1.50 -3.72 10.85
CA GLN A 23 -1.52 -4.28 9.47
C GLN A 23 -0.74 -3.34 8.55
N ARG A 24 0.06 -3.90 7.69
CA ARG A 24 0.87 -3.05 6.76
C ARG A 24 0.07 -2.71 5.52
N TYR A 25 0.12 -1.49 5.09
CA TYR A 25 -0.61 -1.09 3.85
C TYR A 25 0.20 -0.01 3.16
N PHE A 26 -0.32 0.56 2.11
CA PHE A 26 0.46 1.60 1.39
C PHE A 26 -0.31 2.92 1.34
N LEU A 27 0.32 3.98 1.76
CA LEU A 27 -0.35 5.31 1.74
C LEU A 27 -0.21 5.94 0.36
N ASN A 28 -1.24 6.57 -0.15
CA ASN A 28 -1.14 7.20 -1.49
C ASN A 28 -1.28 8.71 -1.35
N HIS A 29 -0.20 9.43 -1.47
CA HIS A 29 -0.28 10.91 -1.32
C HIS A 29 -0.86 11.50 -2.61
N ILE A 30 -0.89 10.72 -3.65
CA ILE A 30 -1.45 11.23 -4.94
C ILE A 30 -2.96 11.13 -4.88
N ASP A 31 -3.45 9.96 -4.57
CA ASP A 31 -4.93 9.79 -4.48
C ASP A 31 -5.37 10.00 -3.05
N GLN A 32 -4.46 10.40 -2.21
CA GLN A 32 -4.79 10.65 -0.79
C GLN A 32 -5.62 9.49 -0.24
N THR A 33 -5.14 8.29 -0.39
CA THR A 33 -5.89 7.12 0.11
C THR A 33 -4.91 6.02 0.50
N THR A 34 -5.42 4.88 0.82
CA THR A 34 -4.54 3.74 1.20
C THR A 34 -4.96 2.50 0.42
N THR A 35 -4.08 1.55 0.24
CA THR A 35 -4.45 0.33 -0.50
C THR A 35 -3.87 -0.90 0.19
N TRP A 36 -4.60 -1.98 0.17
CA TRP A 36 -4.11 -3.23 0.78
C TRP A 36 -3.17 -3.91 -0.21
N GLN A 37 -3.11 -3.37 -1.41
CA GLN A 37 -2.23 -3.99 -2.45
C GLN A 37 -0.99 -3.11 -2.65
N ASP A 38 0.02 -3.64 -3.28
CA ASP A 38 1.25 -2.85 -3.50
C ASP A 38 1.39 -2.54 -4.99
N PRO A 39 1.89 -1.39 -5.32
CA PRO A 39 2.09 -0.97 -6.73
C PRO A 39 3.10 -1.88 -7.44
N ARG A 40 3.71 -2.77 -6.71
CA ARG A 40 4.70 -3.69 -7.32
C ARG A 40 4.04 -5.05 -7.56
N LYS A 41 2.76 -5.05 -7.73
CA LYS A 41 2.04 -6.33 -7.98
C LYS A 41 0.95 -6.11 -9.04
N ALA A 42 1.01 -6.86 -10.11
CA ALA A 42 -0.02 -6.70 -11.18
C ALA A 42 -0.87 -7.97 -11.27
N MET A 43 -1.12 -8.60 -10.16
CA MET A 43 -1.95 -9.84 -10.19
C MET A 43 -3.15 -9.68 -9.25
N GLY A 44 -4.20 -10.42 -9.49
CA GLY A 44 -5.40 -10.32 -8.61
C GLY A 44 -5.62 -11.63 -7.86
N GLY A 45 -5.85 -11.56 -6.59
CA GLY A 45 -6.08 -12.81 -5.80
C GLY A 45 -7.53 -12.88 -5.34
N GLY A 46 -8.18 -11.75 -5.21
CA GLY A 46 -9.60 -11.75 -4.78
C GLY A 46 -9.78 -12.77 -3.64
N GLY A 47 -9.34 -12.44 -2.46
CA GLY A 47 -9.48 -13.38 -1.32
C GLY A 47 -10.09 -12.65 -0.13
N ASN A 48 -11.04 -11.78 -0.36
CA ASN A 48 -11.66 -11.04 0.76
C ASN A 48 -10.58 -10.28 1.54
N TYR A 49 -10.74 -8.99 1.70
CA TYR A 49 -9.72 -8.21 2.44
C TYR A 49 -10.35 -7.63 3.71
N GLN A 50 -9.58 -6.89 4.48
CA GLN A 50 -10.14 -6.31 5.74
C GLN A 50 -11.13 -5.20 5.39
N GLY A 51 -11.65 -5.23 4.21
CA GLY A 51 -12.63 -4.19 3.79
C GLY A 51 -11.89 -3.03 3.11
N PRO A 52 -12.55 -1.94 2.91
CA PRO A 52 -11.95 -0.74 2.26
C PRO A 52 -11.01 0.02 3.22
N PRO A 53 -9.82 0.30 2.77
CA PRO A 53 -8.80 1.02 3.58
C PRO A 53 -9.04 2.53 3.63
N PRO A 54 -9.27 3.07 4.81
CA PRO A 54 -9.51 4.54 4.99
C PRO A 54 -8.34 5.35 4.42
N PRO A 55 -8.34 6.64 4.60
CA PRO A 55 -7.25 7.51 4.08
C PRO A 55 -6.00 7.46 4.96
N TYR A 56 -4.87 7.27 4.35
CA TYR A 56 -3.60 7.21 5.11
C TYR A 56 -3.68 8.18 6.30
N PRO A 57 -2.94 7.91 7.35
CA PRO A 57 -2.93 8.77 8.56
C PRO A 57 -2.34 10.16 8.28
N LYS A 58 -2.70 11.14 9.05
CA LYS A 58 -2.15 12.51 8.83
C LYS A 58 -0.66 12.42 8.52
N HIS A 59 -0.22 13.05 7.47
CA HIS A 59 1.22 13.00 7.12
C HIS A 59 1.77 11.60 7.42
N SER A 1 20.98 -5.48 -15.34
CA SER A 1 19.49 -5.47 -15.19
C SER A 1 19.12 -6.35 -14.00
N PHE A 2 19.75 -6.16 -12.88
CA PHE A 2 19.42 -6.98 -11.68
C PHE A 2 20.26 -6.52 -10.49
N GLU A 3 19.92 -5.40 -9.91
CA GLU A 3 20.70 -4.90 -8.74
C GLU A 3 19.84 -3.94 -7.93
N ILE A 4 18.56 -4.05 -8.07
CA ILE A 4 17.64 -3.15 -7.32
C ILE A 4 17.46 -3.67 -5.90
N PRO A 5 17.92 -2.94 -4.92
CA PRO A 5 17.81 -3.34 -3.49
C PRO A 5 16.41 -3.83 -3.13
N ASP A 6 16.30 -4.69 -2.15
CA ASP A 6 14.97 -5.21 -1.75
C ASP A 6 14.09 -4.06 -1.27
N ASP A 7 14.61 -2.89 -1.34
CA ASP A 7 13.85 -1.70 -0.89
C ASP A 7 13.27 -0.97 -2.11
N VAL A 8 12.86 -1.70 -3.11
CA VAL A 8 12.29 -1.06 -4.32
C VAL A 8 11.27 0.00 -3.91
N PRO A 9 11.63 1.26 -4.02
CA PRO A 9 10.73 2.40 -3.65
C PRO A 9 9.38 2.32 -4.37
N LEU A 10 8.32 2.59 -3.67
CA LEU A 10 6.97 2.55 -4.31
C LEU A 10 6.93 3.57 -5.45
N PRO A 11 5.92 3.52 -6.29
CA PRO A 11 5.78 4.46 -7.43
C PRO A 11 5.85 5.91 -6.99
N ALA A 12 5.09 6.75 -7.60
CA ALA A 12 5.12 8.18 -7.25
C ALA A 12 4.07 8.52 -6.18
N GLY A 13 4.45 9.31 -5.20
CA GLY A 13 3.50 9.70 -4.13
C GLY A 13 3.11 8.50 -3.27
N TRP A 14 3.91 7.48 -3.24
CA TRP A 14 3.55 6.29 -2.43
C TRP A 14 4.41 6.18 -1.18
N GLU A 15 3.90 5.51 -0.17
CA GLU A 15 4.67 5.36 1.09
C GLU A 15 4.07 4.23 1.92
N MET A 16 4.79 3.17 2.14
CA MET A 16 4.23 2.06 2.95
C MET A 16 4.00 2.56 4.37
N ALA A 17 2.92 2.16 4.97
CA ALA A 17 2.64 2.64 6.36
C ALA A 17 1.82 1.57 7.08
N LYS A 18 1.58 1.73 8.34
CA LYS A 18 0.78 0.71 9.06
C LYS A 18 -0.46 1.34 9.68
N THR A 19 -1.47 0.55 9.89
CA THR A 19 -2.73 1.07 10.50
C THR A 19 -2.45 1.41 11.97
N SER A 20 -3.43 1.90 12.67
CA SER A 20 -3.21 2.24 14.11
C SER A 20 -2.01 1.45 14.64
N SER A 21 -1.84 0.24 14.18
CA SER A 21 -0.68 -0.57 14.64
C SER A 21 -1.01 -2.06 14.52
N GLY A 22 -0.85 -2.64 13.36
CA GLY A 22 -1.15 -4.09 13.21
C GLY A 22 -1.23 -4.48 11.74
N GLN A 23 -1.81 -3.66 10.91
CA GLN A 23 -1.92 -4.03 9.47
C GLN A 23 -1.02 -3.14 8.63
N ARG A 24 -0.06 -3.71 7.96
CA ARG A 24 0.84 -2.89 7.10
C ARG A 24 0.12 -2.59 5.79
N TYR A 25 0.15 -1.37 5.33
CA TYR A 25 -0.55 -1.05 4.06
C TYR A 25 0.27 -0.04 3.27
N PHE A 26 -0.26 0.45 2.18
CA PHE A 26 0.49 1.43 1.35
C PHE A 26 -0.27 2.75 1.26
N LEU A 27 0.39 3.83 1.55
CA LEU A 27 -0.29 5.16 1.47
C LEU A 27 -0.11 5.73 0.06
N ASN A 28 -1.15 6.27 -0.51
CA ASN A 28 -1.02 6.85 -1.87
C ASN A 28 -1.16 8.37 -1.80
N HIS A 29 -0.09 9.08 -2.01
CA HIS A 29 -0.15 10.56 -1.98
C HIS A 29 -0.82 11.04 -3.27
N ILE A 30 -0.90 10.17 -4.23
CA ILE A 30 -1.54 10.55 -5.52
C ILE A 30 -3.04 10.37 -5.35
N ASP A 31 -3.44 9.22 -4.90
CA ASP A 31 -4.90 8.98 -4.68
C ASP A 31 -5.26 9.47 -3.29
N GLN A 32 -4.33 10.05 -2.63
CA GLN A 32 -4.57 10.59 -1.26
C GLN A 32 -5.38 9.59 -0.44
N THR A 33 -4.98 8.36 -0.41
CA THR A 33 -5.73 7.35 0.37
C THR A 33 -4.82 6.18 0.72
N THR A 34 -5.40 5.16 1.28
CA THR A 34 -4.59 3.97 1.64
C THR A 34 -5.08 2.77 0.83
N THR A 35 -4.22 1.80 0.62
CA THR A 35 -4.63 0.61 -0.16
C THR A 35 -4.08 -0.66 0.50
N TRP A 36 -4.82 -1.73 0.39
CA TRP A 36 -4.35 -3.01 0.98
C TRP A 36 -3.48 -3.70 -0.06
N GLN A 37 -3.43 -3.14 -1.24
CA GLN A 37 -2.61 -3.76 -2.31
C GLN A 37 -1.49 -2.80 -2.74
N ASP A 38 -0.39 -3.31 -3.21
CA ASP A 38 0.73 -2.43 -3.63
C ASP A 38 0.66 -2.24 -5.15
N PRO A 39 1.00 -1.07 -5.62
CA PRO A 39 0.99 -0.77 -7.08
C PRO A 39 1.91 -1.71 -7.84
N ARG A 40 2.85 -2.31 -7.16
CA ARG A 40 3.79 -3.26 -7.84
C ARG A 40 3.16 -4.64 -7.86
N LYS A 41 1.85 -4.71 -7.82
CA LYS A 41 1.17 -6.03 -7.85
C LYS A 41 -0.21 -5.87 -8.50
N ALA A 42 -0.53 -6.71 -9.44
CA ALA A 42 -1.85 -6.60 -10.11
C ALA A 42 -2.79 -7.68 -9.55
N MET A 43 -3.87 -7.95 -10.24
CA MET A 43 -4.81 -8.99 -9.75
C MET A 43 -4.07 -10.32 -9.56
N GLY A 44 -4.79 -11.40 -9.39
CA GLY A 44 -4.11 -12.71 -9.20
C GLY A 44 -3.64 -12.83 -7.76
N GLY A 45 -2.48 -13.40 -7.55
CA GLY A 45 -1.97 -13.56 -6.17
C GLY A 45 -3.01 -14.27 -5.30
N GLY A 46 -3.34 -13.70 -4.18
CA GLY A 46 -4.36 -14.34 -3.29
C GLY A 46 -5.47 -13.34 -2.98
N GLY A 47 -5.13 -12.11 -2.70
CA GLY A 47 -6.17 -11.10 -2.38
C GLY A 47 -6.56 -11.19 -0.91
N ASN A 48 -7.81 -11.04 -0.60
CA ASN A 48 -8.24 -11.13 0.83
C ASN A 48 -7.83 -9.84 1.55
N TYR A 49 -8.79 -9.12 2.08
CA TYR A 49 -8.45 -7.86 2.80
C TYR A 49 -9.28 -7.77 4.08
N GLN A 50 -9.17 -6.68 4.78
CA GLN A 50 -9.95 -6.53 6.05
C GLN A 50 -11.03 -5.47 5.86
N GLY A 51 -11.39 -5.21 4.64
CA GLY A 51 -12.44 -4.20 4.36
C GLY A 51 -11.82 -3.01 3.61
N PRO A 52 -12.50 -1.90 3.59
CA PRO A 52 -12.01 -0.67 2.90
C PRO A 52 -10.94 0.06 3.71
N PRO A 53 -9.83 0.37 3.09
CA PRO A 53 -8.70 1.09 3.75
C PRO A 53 -9.00 2.58 3.95
N PRO A 54 -8.92 3.05 5.18
CA PRO A 54 -9.17 4.48 5.50
C PRO A 54 -8.00 5.37 5.10
N PRO A 55 -8.27 6.56 4.64
CA PRO A 55 -7.23 7.52 4.22
C PRO A 55 -6.01 7.52 5.15
N TYR A 56 -4.84 7.46 4.58
CA TYR A 56 -3.61 7.46 5.42
C TYR A 56 -3.80 8.34 6.66
N PRO A 57 -2.95 8.18 7.63
CA PRO A 57 -3.00 8.97 8.90
C PRO A 57 -3.16 10.47 8.62
N LYS A 58 -3.97 11.14 9.39
CA LYS A 58 -4.17 12.60 9.18
C LYS A 58 -2.80 13.27 8.99
N HIS A 59 -2.73 14.27 8.16
CA HIS A 59 -1.42 14.96 7.92
C HIS A 59 -1.67 16.26 7.17
N SER A 1 15.05 -17.02 -6.60
CA SER A 1 14.96 -17.38 -5.16
C SER A 1 14.15 -16.31 -4.41
N PHE A 2 14.10 -16.41 -3.10
CA PHE A 2 13.35 -15.40 -2.32
C PHE A 2 14.29 -14.30 -1.84
N GLU A 3 14.53 -13.31 -2.64
CA GLU A 3 15.45 -12.21 -2.23
C GLU A 3 15.07 -10.92 -2.95
N ILE A 4 13.85 -10.83 -3.37
CA ILE A 4 13.37 -9.61 -4.08
C ILE A 4 13.96 -8.38 -3.38
N PRO A 5 14.91 -7.72 -4.02
CA PRO A 5 15.56 -6.51 -3.46
C PRO A 5 14.53 -5.50 -2.94
N ASP A 6 14.72 -5.02 -1.73
CA ASP A 6 13.76 -4.03 -1.17
C ASP A 6 14.05 -2.66 -1.75
N ASP A 7 14.98 -2.59 -2.65
CA ASP A 7 15.34 -1.29 -3.27
C ASP A 7 14.30 -0.94 -4.32
N VAL A 8 13.11 -1.42 -4.15
CA VAL A 8 12.02 -1.12 -5.13
C VAL A 8 11.13 0.00 -4.59
N PRO A 9 11.28 1.19 -5.11
CA PRO A 9 10.48 2.36 -4.68
C PRO A 9 9.03 2.30 -5.16
N LEU A 10 8.09 2.68 -4.34
CA LEU A 10 6.67 2.65 -4.76
C LEU A 10 6.46 3.66 -5.88
N PRO A 11 5.42 3.50 -6.66
CA PRO A 11 5.09 4.44 -7.76
C PRO A 11 5.26 5.90 -7.35
N ALA A 12 4.48 6.77 -7.88
CA ALA A 12 4.62 8.20 -7.53
C ALA A 12 3.71 8.58 -6.36
N GLY A 13 4.26 9.29 -5.40
CA GLY A 13 3.45 9.72 -4.22
C GLY A 13 3.04 8.53 -3.36
N TRP A 14 3.78 7.45 -3.43
CA TRP A 14 3.40 6.25 -2.62
C TRP A 14 4.32 6.07 -1.41
N GLU A 15 3.82 5.43 -0.39
CA GLU A 15 4.68 5.20 0.82
C GLU A 15 4.06 4.09 1.66
N MET A 16 4.76 2.99 1.84
CA MET A 16 4.20 1.88 2.65
C MET A 16 4.02 2.37 4.09
N ALA A 17 2.93 2.01 4.70
CA ALA A 17 2.68 2.46 6.10
C ALA A 17 1.83 1.41 6.81
N LYS A 18 1.62 1.55 8.08
CA LYS A 18 0.79 0.55 8.78
C LYS A 18 -0.45 1.22 9.38
N THR A 19 -1.47 0.44 9.61
CA THR A 19 -2.72 0.99 10.19
C THR A 19 -2.47 1.35 11.65
N SER A 20 -3.44 1.86 12.33
CA SER A 20 -3.25 2.24 13.76
C SER A 20 -2.04 1.48 14.33
N SER A 21 -1.88 0.24 13.93
CA SER A 21 -0.72 -0.55 14.43
C SER A 21 -1.03 -2.04 14.36
N GLY A 22 -0.90 -2.63 13.20
CA GLY A 22 -1.19 -4.09 13.08
C GLY A 22 -1.25 -4.51 11.62
N GLN A 23 -1.84 -3.71 10.76
CA GLN A 23 -1.93 -4.09 9.33
C GLN A 23 -1.03 -3.20 8.49
N ARG A 24 -0.30 -3.78 7.58
CA ARG A 24 0.60 -2.98 6.72
C ARG A 24 -0.17 -2.61 5.44
N TYR A 25 -0.04 -1.40 4.98
CA TYR A 25 -0.75 -1.01 3.74
C TYR A 25 0.09 0.00 2.97
N PHE A 26 -0.45 0.55 1.91
CA PHE A 26 0.33 1.52 1.10
C PHE A 26 -0.38 2.87 1.07
N LEU A 27 0.31 3.92 1.41
CA LEU A 27 -0.32 5.26 1.40
C LEU A 27 -0.18 5.88 0.02
N ASN A 28 -1.23 6.43 -0.52
CA ASN A 28 -1.14 7.05 -1.86
C ASN A 28 -1.19 8.58 -1.73
N HIS A 29 -0.09 9.23 -1.93
CA HIS A 29 -0.07 10.71 -1.83
C HIS A 29 -0.77 11.27 -3.07
N ILE A 30 -0.94 10.45 -4.07
CA ILE A 30 -1.63 10.91 -5.30
C ILE A 30 -3.13 10.80 -5.07
N ASP A 31 -3.57 9.66 -4.63
CA ASP A 31 -5.02 9.47 -4.36
C ASP A 31 -5.29 9.94 -2.93
N GLN A 32 -4.29 10.45 -2.30
CA GLN A 32 -4.44 10.96 -0.91
C GLN A 32 -5.27 10.00 -0.08
N THR A 33 -4.92 8.74 -0.07
CA THR A 33 -5.69 7.75 0.72
C THR A 33 -4.84 6.52 0.96
N THR A 34 -5.45 5.51 1.51
CA THR A 34 -4.71 4.25 1.79
C THR A 34 -5.31 3.12 0.96
N THR A 35 -4.52 2.14 0.64
CA THR A 35 -5.04 1.01 -0.17
C THR A 35 -4.38 -0.30 0.26
N TRP A 36 -5.11 -1.38 0.18
CA TRP A 36 -4.53 -2.69 0.56
C TRP A 36 -3.77 -3.23 -0.65
N GLN A 37 -3.81 -2.51 -1.74
CA GLN A 37 -3.09 -2.96 -2.96
C GLN A 37 -1.59 -2.74 -2.79
N ASP A 38 -0.77 -3.53 -3.43
CA ASP A 38 0.69 -3.37 -3.30
C ASP A 38 1.31 -3.26 -4.70
N PRO A 39 1.58 -2.07 -5.16
CA PRO A 39 2.18 -1.86 -6.50
C PRO A 39 3.30 -2.86 -6.75
N ARG A 40 3.71 -3.57 -5.74
CA ARG A 40 4.79 -4.57 -5.91
C ARG A 40 4.20 -5.87 -6.44
N LYS A 41 3.09 -5.78 -7.10
CA LYS A 41 2.44 -7.00 -7.66
C LYS A 41 1.82 -6.67 -9.01
N ALA A 42 1.45 -7.67 -9.77
CA ALA A 42 0.82 -7.41 -11.11
C ALA A 42 -0.58 -6.83 -10.91
N MET A 43 -1.31 -6.66 -11.99
CA MET A 43 -2.69 -6.12 -11.87
C MET A 43 -3.57 -7.10 -11.11
N GLY A 44 -4.00 -8.15 -11.76
CA GLY A 44 -4.86 -9.15 -11.07
C GLY A 44 -6.05 -8.44 -10.42
N GLY A 45 -6.75 -9.11 -9.55
CA GLY A 45 -7.92 -8.47 -8.89
C GLY A 45 -8.78 -9.55 -8.21
N GLY A 46 -9.54 -9.17 -7.22
CA GLY A 46 -10.39 -10.18 -6.52
C GLY A 46 -11.20 -9.48 -5.42
N GLY A 47 -12.47 -9.30 -5.64
CA GLY A 47 -13.31 -8.62 -4.61
C GLY A 47 -13.08 -9.27 -3.25
N ASN A 48 -13.81 -8.87 -2.25
CA ASN A 48 -13.62 -9.48 -0.90
C ASN A 48 -12.27 -9.04 -0.32
N TYR A 49 -12.24 -7.91 0.32
CA TYR A 49 -10.95 -7.43 0.91
C TYR A 49 -10.99 -7.60 2.42
N GLN A 50 -10.23 -6.81 3.13
CA GLN A 50 -10.23 -6.93 4.62
C GLN A 50 -10.90 -5.70 5.24
N GLY A 51 -11.71 -5.04 4.47
CA GLY A 51 -12.41 -3.83 5.00
C GLY A 51 -11.75 -2.58 4.41
N PRO A 52 -12.53 -1.72 3.80
CA PRO A 52 -12.02 -0.46 3.19
C PRO A 52 -10.99 0.24 4.08
N PRO A 53 -9.84 0.56 3.53
CA PRO A 53 -8.76 1.24 4.29
C PRO A 53 -9.01 2.75 4.44
N PRO A 54 -8.91 3.26 5.64
CA PRO A 54 -9.11 4.71 5.93
C PRO A 54 -7.92 5.55 5.48
N PRO A 55 -8.17 6.75 5.00
CA PRO A 55 -7.09 7.66 4.54
C PRO A 55 -5.87 7.63 5.44
N TYR A 56 -4.70 7.58 4.86
CA TYR A 56 -3.45 7.55 5.68
C TYR A 56 -3.63 8.42 6.94
N PRO A 57 -2.78 8.23 7.90
CA PRO A 57 -2.80 9.01 9.18
C PRO A 57 -2.85 10.51 8.95
N LYS A 58 -3.61 11.23 9.73
CA LYS A 58 -3.69 12.70 9.55
C LYS A 58 -2.37 13.35 9.99
N HIS A 59 -1.60 13.84 9.06
CA HIS A 59 -0.30 14.48 9.43
C HIS A 59 -0.51 15.38 10.64
#